data_9BUY
#
_entry.id   9BUY
#
_cell.length_a   1.00
_cell.length_b   1.00
_cell.length_c   1.00
_cell.angle_alpha   90.00
_cell.angle_beta   90.00
_cell.angle_gamma   90.00
#
_symmetry.space_group_name_H-M   'P 1'
#
loop_
_entity.id
_entity.type
_entity.pdbx_description
1 polymer 'Guanine nucleotide-binding protein G(i) subunit alpha-1'
2 polymer 'Guanine nucleotide-binding protein G(I)/G(S)/G(T) subunit beta-1'
3 polymer 'Guanine nucleotide-binding protein G(I)/G(S)/G(O) subunit gamma-2'
4 polymer scFv16
5 polymer 'Beta-2 adrenergic receptor'
6 non-polymer CHOLESTEROL
7 non-polymer 4-[(1R)-1-hydroxy-2-{[6-(4-phenylbutoxy)hexyl]amino}ethyl]benzene-1,2-diol
8 non-polymer N-[(3R)-4-(4-tert-butylphenyl)-3-({2-[(4-methoxyphenyl)sulfanyl]-5-[methyl(propan-2-yl)sulfamoyl]benzene-1-carbonyl}amino)butanoyl]glycine
#
loop_
_entity_poly.entity_id
_entity_poly.type
_entity_poly.pdbx_seq_one_letter_code
_entity_poly.pdbx_strand_id
1 'polypeptide(L)'
;MGCTLSAEDKAAVERSKMIDRNLREDGEKAAREVKLLLLGAGESGKSTIVKQMKIIHEAGYSEEECKQYKAVVYSNTIQS
IIAIIRAMGRLKIDFGDSARADDARQLFVLAGAAEEGFMTAELAGVIKRLWKDSGVQACFNRSREYQLNDSAAYYLNDLD
RIAQPNYIPTQQDVLRTRVKTTGIVETHFTFKDLHFKMFDVGGQRSERKKWIHCFEGVTAIIFCVALSDYDLVLAEDEEM
NRMHESMKLFDSICNNKWFTDTSIILFLNKKDLFEEKIKKSPLTICYPEYAGSNTYEEAAAYIQCQFEDLNKRKDTKEIY
THFTCATDTKNVQFVFDAVTDVIIKNNLKDCGLF
;
A
2 'polypeptide(L)'
;PGSSGSELDQLRQEAEQLKNQIRDARKACADATLSQITNNIDPVGRIQMRTRRTLRGHLAKIYAMHWGTDSRLLVSASQD
GKLIIWDSYTTNKVHAIPLRSSWVMTCAYAPSGNYVACGGLDNICSIYNLKTREGNVRVSRELAGHTGYLSCCRFLDDNQ
IVTSSGDTTCALWDIETGQQTTTFTGHTGDVMSLSLAPDTRLFVSGACDASAKLWDVREGMCRQTFTGHESDINAICFFP
NGNAFATGSDDATCRLFDLRADQELMTYSHDNIICGITSVSFSKSGRLLLAGYDDFNCNVWDALKADRAGVLAGHDNRVS
CLGVTDDGMAVATGSWDSFLKIWN
;
B
3 'polypeptide(L)' MASNNTASIAQARKLVEQLKMEANIDRIKVSKAAADLMAYCEAHAKEDPLLTPVPASENPFREKKFFCAIL C
4 'polypeptide(L)'
;DVQLVESGGGLVQPGGSRKLSCSASGFAFSSFGMHWVRQAPEKGLEWVAYISSGSGTIYYADTVKGRFTISRDDPKNTLF
LQMTSLRSEDTAMYYCVRSIYYYGSSPFDFWGQGTTLTVSSGGGGSGGGGSGGGGSDIVMTQATSSVPVTPGESVSISCR
SSKSLLHSNGNTYLYWFLQRPGQSPQLLIYRMSNLASGVPDRFSGSGSGTAFTLTISRLEAEDVGVYYCMQHLEYPLTFG
AGTKLELKAAAHHHHHHHH
;
E
5 'polypeptide(L)'
;MKTIIALSYIFCLVFADYKDDDDAMGQPGNGSAFLLAPNRSHAPDHDVENLYFQGTQQRDEVWVVGMGIVMSLIVLAIVF
GNVLVITAIAKFERLQTVTNYFITSLACADLVMGLAVVPFGAAHILTKTWTFGNFWCEFWTSIDVLCVTASIETLCVIAV
DRYFAITSPFKYQSLLTKNKARVIILMVWIVSGLTSFLPIQMHWYRATHQEAINCYAEETCCDFFTNQAYAIASSIVSFY
VPLVIMVFVYSRVFQEAKRQLQKIDKSEGRFHVQNLSQVEQDGRTGHGLRRSSKFCLKEHKALKTLGIIMGTFTLCWLPF
FIVNIVHVIQDNLIRKEVYILLNWIGYVNSGFNPLIYCRSPDFRIAFQELLCLRRSSLKAYGNGYSSNGNTGEQSGLEVL
FQGPYHVEQEKENKLLAEDLPGTEDFVGHQGTVPSDNIDSQGRNASTNDSLLETSQVAPA
;
R
#
loop_
_chem_comp.id
_chem_comp.type
_chem_comp.name
_chem_comp.formula
A1ASM non-polymer 4-[(1R)-1-hydroxy-2-{[6-(4-phenylbutoxy)hexyl]amino}ethyl]benzene-1,2-diol 'C24 H35 N O4'
CLR non-polymer CHOLESTEROL 'C27 H46 O'
KBY non-polymer N-[(3R)-4-(4-tert-butylphenyl)-3-({2-[(4-methoxyphenyl)sulfanyl]-5-[methyl(propan-2-yl)sulfamoyl]benzene-1-carbonyl}amino)butanoyl]glycine 'C34 H43 N3 O7 S2'
#
# COMPACT_ATOMS: atom_id res chain seq x y z
N SER A 6 25.78 4.41 -1.10
CA SER A 6 25.58 4.00 0.28
C SER A 6 26.24 4.98 1.24
N ALA A 7 26.34 6.24 0.82
CA ALA A 7 26.96 7.28 1.63
C ALA A 7 25.91 8.11 2.37
N GLU A 8 25.00 8.73 1.63
CA GLU A 8 23.86 9.43 2.21
C GLU A 8 22.54 8.77 1.79
N ASP A 9 22.59 7.55 1.26
CA ASP A 9 21.39 6.77 1.03
C ASP A 9 20.82 6.19 2.31
N LYS A 10 21.62 6.12 3.37
CA LYS A 10 21.12 5.60 4.64
C LYS A 10 20.05 6.53 5.21
N ALA A 11 20.21 7.84 5.05
CA ALA A 11 19.18 8.77 5.50
C ALA A 11 17.91 8.61 4.69
N ALA A 12 18.03 8.33 3.39
CA ALA A 12 16.86 8.06 2.57
C ALA A 12 16.14 6.81 3.05
N VAL A 13 16.91 5.77 3.40
CA VAL A 13 16.32 4.54 3.93
C VAL A 13 15.60 4.82 5.25
N GLU A 14 16.19 5.64 6.11
CA GLU A 14 15.55 5.98 7.37
C GLU A 14 14.25 6.74 7.13
N ARG A 15 14.25 7.67 6.18
CA ARG A 15 13.03 8.40 5.85
C ARG A 15 11.95 7.45 5.33
N SER A 16 12.33 6.50 4.48
CA SER A 16 11.36 5.53 3.97
C SER A 16 10.80 4.68 5.10
N LYS A 17 11.65 4.28 6.06
CA LYS A 17 11.17 3.49 7.19
C LYS A 17 10.19 4.28 8.06
N MET A 18 10.47 5.57 8.27
CA MET A 18 9.53 6.40 9.03
C MET A 18 8.19 6.51 8.31
N ILE A 19 8.23 6.68 6.98
CA ILE A 19 6.99 6.72 6.20
C ILE A 19 6.23 5.41 6.33
N ASP A 20 6.95 4.28 6.30
CA ASP A 20 6.31 2.98 6.46
C ASP A 20 5.63 2.87 7.82
N ARG A 21 6.31 3.31 8.88
CA ARG A 21 5.71 3.26 10.21
C ARG A 21 4.44 4.09 10.28
N ASN A 22 4.46 5.30 9.71
CA ASN A 22 3.27 6.14 9.72
C ASN A 22 2.13 5.50 8.95
N LEU A 23 2.42 4.93 7.77
CA LEU A 23 1.39 4.28 6.98
C LEU A 23 0.78 3.10 7.73
N ARG A 24 1.62 2.29 8.38
CA ARG A 24 1.13 1.14 9.12
C ARG A 24 0.24 1.58 10.29
N GLU A 25 0.65 2.61 11.02
CA GLU A 25 -0.16 3.08 12.13
C GLU A 25 -1.51 3.60 11.65
N ASP A 26 -1.52 4.37 10.56
CA ASP A 26 -2.79 4.87 10.02
C ASP A 26 -3.68 3.73 9.57
N GLY A 27 -3.11 2.73 8.89
CA GLY A 27 -3.91 1.60 8.44
C GLY A 27 -4.49 0.80 9.58
N GLU A 28 -3.72 0.62 10.66
CA GLU A 28 -4.27 -0.06 11.84
C GLU A 28 -5.39 0.76 12.47
N LYS A 29 -5.24 2.09 12.53
CA LYS A 29 -6.28 2.91 13.12
C LYS A 29 -7.54 2.94 12.28
N ALA A 30 -7.43 2.79 10.97
CA ALA A 30 -8.57 2.89 10.07
C ALA A 30 -9.25 1.54 9.80
N ALA A 31 -8.84 0.47 10.48
CA ALA A 31 -9.43 -0.84 10.26
C ALA A 31 -10.44 -1.25 11.32
N ARG A 32 -10.43 -0.61 12.50
CA ARG A 32 -11.37 -0.89 13.57
C ARG A 32 -12.50 0.13 13.62
N GLU A 33 -12.88 0.68 12.48
CA GLU A 33 -13.88 1.74 12.40
C GLU A 33 -14.97 1.30 11.42
N VAL A 34 -16.22 1.34 11.87
CA VAL A 34 -17.32 0.77 11.10
C VAL A 34 -17.71 1.74 9.98
N LYS A 35 -17.93 1.19 8.79
CA LYS A 35 -18.28 1.98 7.61
C LYS A 35 -19.61 1.48 7.07
N LEU A 36 -20.60 2.36 7.03
CA LEU A 36 -21.94 2.03 6.55
C LEU A 36 -22.25 2.85 5.31
N LEU A 37 -22.96 2.25 4.37
CA LEU A 37 -23.33 2.92 3.13
C LEU A 37 -24.83 3.17 3.13
N LEU A 38 -25.24 4.42 2.93
CA LEU A 38 -26.63 4.82 3.09
C LEU A 38 -27.30 5.01 1.74
N LEU A 39 -28.45 4.37 1.54
CA LEU A 39 -29.22 4.50 0.31
C LEU A 39 -30.68 4.78 0.65
N GLY A 40 -31.32 5.55 -0.21
CA GLY A 40 -32.71 5.90 -0.06
C GLY A 40 -33.37 6.08 -1.41
N ALA A 41 -34.30 7.03 -1.48
CA ALA A 41 -35.00 7.33 -2.72
C ALA A 41 -35.49 8.78 -2.64
N GLY A 42 -36.36 9.15 -3.59
CA GLY A 42 -36.91 10.49 -3.61
C GLY A 42 -37.85 10.75 -2.46
N GLU A 43 -37.42 11.61 -1.52
CA GLU A 43 -38.21 11.94 -0.33
C GLU A 43 -38.59 10.70 0.45
N SER A 44 -37.66 9.75 0.52
CA SER A 44 -37.88 8.48 1.20
C SER A 44 -37.45 8.52 2.67
N GLY A 45 -37.03 9.68 3.17
CA GLY A 45 -36.61 9.79 4.55
C GLY A 45 -35.14 9.51 4.80
N LYS A 46 -34.32 9.51 3.76
CA LYS A 46 -32.88 9.28 3.96
C LYS A 46 -32.27 10.36 4.84
N SER A 47 -32.66 11.62 4.62
CA SER A 47 -32.22 12.70 5.49
C SER A 47 -32.90 12.69 6.84
N THR A 48 -34.01 11.97 6.99
CA THR A 48 -34.72 11.95 8.26
C THR A 48 -33.97 11.13 9.30
N ILE A 49 -33.45 9.96 8.91
CA ILE A 49 -32.77 9.11 9.87
C ILE A 49 -31.49 9.78 10.37
N VAL A 50 -30.88 10.63 9.55
CA VAL A 50 -29.63 11.29 9.93
C VAL A 50 -29.84 12.18 11.15
N LYS A 51 -31.07 12.68 11.33
CA LYS A 51 -31.34 13.60 12.43
C LYS A 51 -31.17 12.93 13.79
N GLN A 52 -31.59 11.67 13.92
CA GLN A 52 -31.50 10.99 15.21
C GLN A 52 -30.06 10.84 15.68
N MET A 53 -29.15 10.49 14.77
CA MET A 53 -27.75 10.39 15.16
C MET A 53 -27.20 11.77 15.46
N LYS A 54 -26.13 11.80 16.26
CA LYS A 54 -25.53 13.06 16.69
C LYS A 54 -25.00 13.84 15.49
N ILE A 55 -24.36 13.16 14.54
CA ILE A 55 -23.83 13.77 13.33
C ILE A 55 -22.85 14.90 13.67
N THR A 182 -21.56 18.42 -1.93
CA THR A 182 -20.88 18.05 -3.16
C THR A 182 -21.47 16.79 -3.77
N GLY A 183 -20.62 15.79 -4.00
CA GLY A 183 -21.07 14.54 -4.59
C GLY A 183 -21.23 13.42 -3.60
N ILE A 184 -20.27 13.28 -2.68
CA ILE A 184 -20.31 12.25 -1.65
C ILE A 184 -20.29 12.95 -0.30
N VAL A 185 -21.22 12.57 0.58
CA VAL A 185 -21.35 13.17 1.90
C VAL A 185 -20.94 12.14 2.95
N GLU A 186 -20.08 12.54 3.87
CA GLU A 186 -19.59 11.66 4.92
C GLU A 186 -20.04 12.19 6.27
N THR A 187 -20.61 11.32 7.09
CA THR A 187 -21.04 11.65 8.44
C THR A 187 -20.32 10.78 9.44
N HIS A 188 -19.84 11.40 10.52
CA HIS A 188 -19.06 10.72 11.54
C HIS A 188 -19.83 10.77 12.85
N PHE A 189 -19.95 9.63 13.52
CA PHE A 189 -20.55 9.65 14.85
C PHE A 189 -20.01 8.51 15.69
N THR A 190 -20.31 8.55 16.98
CA THR A 190 -19.78 7.59 17.94
C THR A 190 -20.90 7.12 18.85
N PHE A 191 -20.93 5.82 19.12
CA PHE A 191 -21.95 5.24 19.99
C PHE A 191 -21.34 4.08 20.76
N LYS A 192 -21.33 4.19 22.09
CA LYS A 192 -20.77 3.16 22.96
C LYS A 192 -19.32 2.84 22.58
N ASP A 193 -18.52 3.90 22.42
CA ASP A 193 -17.10 3.80 22.08
C ASP A 193 -16.88 3.06 20.76
N LEU A 194 -17.80 3.22 19.81
CA LEU A 194 -17.66 2.64 18.48
C LEU A 194 -17.84 3.74 17.44
N HIS A 195 -16.92 3.81 16.49
CA HIS A 195 -16.90 4.89 15.50
C HIS A 195 -17.61 4.43 14.24
N PHE A 196 -18.64 5.19 13.83
CA PHE A 196 -19.40 4.91 12.63
C PHE A 196 -19.16 6.02 11.61
N LYS A 197 -18.90 5.63 10.36
CA LYS A 197 -18.80 6.53 9.23
C LYS A 197 -19.87 6.15 8.23
N MET A 198 -20.82 7.06 8.01
CA MET A 198 -21.92 6.84 7.09
C MET A 198 -21.64 7.60 5.80
N PHE A 199 -21.66 6.90 4.67
CA PHE A 199 -21.40 7.50 3.37
C PHE A 199 -22.70 7.58 2.59
N ASP A 200 -23.11 8.79 2.24
CA ASP A 200 -24.31 9.05 1.46
C ASP A 200 -23.89 9.44 0.05
N VAL A 201 -24.44 8.75 -0.94
CA VAL A 201 -24.09 8.92 -2.34
C VAL A 201 -25.25 9.49 -3.15
N GLY A 202 -26.31 9.95 -2.49
CA GLY A 202 -27.47 10.43 -3.21
C GLY A 202 -27.22 11.74 -3.93
N GLY A 203 -26.25 12.53 -3.45
CA GLY A 203 -25.97 13.80 -4.10
C GLY A 203 -25.39 13.63 -5.49
N GLN A 204 -24.49 12.66 -5.67
CA GLN A 204 -23.84 12.46 -6.95
C GLN A 204 -24.70 11.59 -7.85
N ARG A 205 -25.00 12.08 -9.06
CA ARG A 205 -25.79 11.34 -10.03
C ARG A 205 -24.94 11.10 -11.27
N SER A 206 -24.79 9.83 -11.64
CA SER A 206 -23.97 9.38 -12.76
C SER A 206 -24.25 7.91 -12.94
N GLU A 207 -23.51 7.27 -13.85
CA GLU A 207 -23.64 5.82 -14.02
C GLU A 207 -23.20 5.11 -12.75
N ARG A 208 -24.17 4.52 -12.04
CA ARG A 208 -23.87 3.86 -10.77
C ARG A 208 -23.00 2.62 -10.95
N LYS A 209 -22.99 2.03 -12.15
CA LYS A 209 -22.17 0.85 -12.40
C LYS A 209 -20.69 1.18 -12.32
N LYS A 210 -20.31 2.43 -12.58
CA LYS A 210 -18.91 2.81 -12.73
C LYS A 210 -18.23 3.20 -11.42
N TRP A 211 -18.97 3.32 -10.32
CA TRP A 211 -18.35 3.70 -9.06
C TRP A 211 -18.89 2.96 -7.84
N ILE A 212 -19.77 1.98 -8.02
CA ILE A 212 -20.34 1.29 -6.87
C ILE A 212 -19.29 0.42 -6.18
N HIS A 213 -18.40 -0.19 -6.95
CA HIS A 213 -17.43 -1.13 -6.40
C HIS A 213 -16.43 -0.47 -5.45
N CYS A 214 -16.34 0.86 -5.46
CA CYS A 214 -15.52 1.55 -4.48
C CYS A 214 -16.00 1.31 -3.06
N PHE A 215 -17.27 0.93 -2.89
CA PHE A 215 -17.84 0.70 -1.57
C PHE A 215 -17.92 -0.78 -1.23
N GLU A 216 -17.33 -1.66 -2.04
CA GLU A 216 -17.23 -3.06 -1.70
C GLU A 216 -16.42 -3.22 -0.41
N GLY A 217 -16.94 -4.03 0.51
CA GLY A 217 -16.29 -4.23 1.78
C GLY A 217 -16.82 -3.40 2.93
N VAL A 218 -17.92 -2.66 2.73
CA VAL A 218 -18.52 -1.95 3.84
C VAL A 218 -19.16 -2.93 4.81
N THR A 219 -19.34 -2.47 6.05
CA THR A 219 -19.91 -3.34 7.08
C THR A 219 -21.39 -3.59 6.83
N ALA A 220 -22.13 -2.57 6.42
CA ALA A 220 -23.57 -2.73 6.23
C ALA A 220 -24.10 -1.66 5.28
N ILE A 221 -25.27 -1.95 4.70
CA ILE A 221 -25.99 -1.04 3.83
C ILE A 221 -27.28 -0.63 4.54
N ILE A 222 -27.40 0.64 4.88
CA ILE A 222 -28.61 1.18 5.48
C ILE A 222 -29.53 1.62 4.36
N PHE A 223 -30.61 0.88 4.14
CA PHE A 223 -31.61 1.23 3.15
C PHE A 223 -32.78 1.93 3.84
N CYS A 224 -33.30 2.98 3.21
CA CYS A 224 -34.42 3.73 3.76
C CYS A 224 -35.60 3.66 2.79
N VAL A 225 -36.78 3.35 3.31
CA VAL A 225 -38.01 3.27 2.51
C VAL A 225 -39.10 4.07 3.21
N ALA A 226 -39.83 4.87 2.44
CA ALA A 226 -40.96 5.62 2.96
C ALA A 226 -42.20 4.73 2.94
N LEU A 227 -42.77 4.48 4.12
CA LEU A 227 -43.94 3.62 4.22
C LEU A 227 -45.22 4.31 3.74
N SER A 228 -45.22 5.64 3.68
CA SER A 228 -46.41 6.41 3.31
C SER A 228 -46.37 6.87 1.86
N ASP A 229 -45.80 6.05 0.97
CA ASP A 229 -45.74 6.37 -0.45
C ASP A 229 -46.33 5.26 -1.30
N TYR A 230 -47.26 4.48 -0.73
CA TYR A 230 -47.88 3.39 -1.47
C TYR A 230 -48.78 3.91 -2.57
N ASP A 231 -49.47 5.03 -2.33
CA ASP A 231 -50.41 5.58 -3.30
C ASP A 231 -49.87 6.81 -4.04
N LEU A 232 -48.74 7.36 -3.62
CA LEU A 232 -48.17 8.52 -4.29
C LEU A 232 -47.60 8.12 -5.64
N VAL A 233 -47.38 9.12 -6.49
CA VAL A 233 -46.84 8.90 -7.81
C VAL A 233 -46.12 10.16 -8.31
N ASN A 241 -46.74 3.78 -7.52
CA ASN A 241 -45.68 4.01 -8.49
C ASN A 241 -44.34 4.26 -7.81
N ARG A 242 -44.36 5.04 -6.73
CA ARG A 242 -43.13 5.32 -6.00
C ARG A 242 -42.57 4.07 -5.34
N MET A 243 -43.44 3.29 -4.69
CA MET A 243 -42.97 2.10 -4.01
C MET A 243 -42.52 1.03 -4.99
N HIS A 244 -43.10 0.99 -6.19
CA HIS A 244 -42.61 0.07 -7.21
C HIS A 244 -41.19 0.42 -7.62
N GLU A 245 -40.90 1.72 -7.79
CA GLU A 245 -39.55 2.15 -8.10
C GLU A 245 -38.60 1.83 -6.95
N SER A 246 -39.06 2.02 -5.71
CA SER A 246 -38.22 1.67 -4.56
C SER A 246 -37.90 0.19 -4.54
N MET A 247 -38.88 -0.66 -4.87
CA MET A 247 -38.64 -2.10 -4.90
C MET A 247 -37.69 -2.47 -6.03
N LYS A 248 -37.82 -1.82 -7.18
CA LYS A 248 -36.89 -2.06 -8.27
C LYS A 248 -35.46 -1.70 -7.85
N LEU A 249 -35.30 -0.57 -7.17
CA LEU A 249 -33.96 -0.15 -6.74
C LEU A 249 -33.41 -1.10 -5.68
N PHE A 250 -34.26 -1.57 -4.76
CA PHE A 250 -33.82 -2.53 -3.76
C PHE A 250 -33.38 -3.84 -4.40
N ASP A 251 -34.14 -4.32 -5.39
CA ASP A 251 -33.75 -5.53 -6.11
C ASP A 251 -32.42 -5.32 -6.82
N SER A 252 -32.24 -4.16 -7.46
CA SER A 252 -31.00 -3.90 -8.19
C SER A 252 -29.80 -3.83 -7.25
N ILE A 253 -29.96 -3.22 -6.08
CA ILE A 253 -28.83 -3.06 -5.17
C ILE A 253 -28.55 -4.31 -4.34
N CYS A 254 -29.55 -5.18 -4.15
CA CYS A 254 -29.38 -6.35 -3.30
C CYS A 254 -28.71 -7.52 -4.00
N ASN A 255 -28.56 -7.47 -5.32
CA ASN A 255 -28.01 -8.58 -6.09
C ASN A 255 -26.83 -8.13 -6.93
N ASN A 256 -25.92 -7.37 -6.31
CA ASN A 256 -24.68 -6.96 -6.95
C ASN A 256 -23.57 -7.94 -6.62
N LYS A 257 -22.74 -8.25 -7.63
CA LYS A 257 -21.62 -9.14 -7.40
C LYS A 257 -20.67 -8.60 -6.34
N TRP A 258 -20.59 -7.28 -6.22
CA TRP A 258 -19.76 -6.68 -5.18
C TRP A 258 -20.38 -6.80 -3.80
N PHE A 259 -21.71 -6.88 -3.72
CA PHE A 259 -22.42 -6.97 -2.45
C PHE A 259 -23.04 -8.34 -2.25
N THR A 260 -22.40 -9.39 -2.77
CA THR A 260 -22.92 -10.74 -2.65
C THR A 260 -22.85 -11.28 -1.23
N ASP A 261 -22.14 -10.58 -0.32
CA ASP A 261 -22.00 -11.05 1.05
C ASP A 261 -22.13 -9.90 2.04
N THR A 262 -22.95 -8.91 1.73
CA THR A 262 -23.12 -7.72 2.56
C THR A 262 -24.52 -7.70 3.15
N SER A 263 -24.62 -7.26 4.40
CA SER A 263 -25.89 -7.24 5.11
C SER A 263 -26.58 -5.89 4.96
N ILE A 264 -27.91 -5.93 5.02
CA ILE A 264 -28.75 -4.76 4.79
C ILE A 264 -29.58 -4.51 6.04
N ILE A 265 -29.55 -3.28 6.52
CA ILE A 265 -30.41 -2.80 7.59
C ILE A 265 -31.46 -1.92 6.95
N LEU A 266 -32.72 -2.34 7.01
CA LEU A 266 -33.80 -1.66 6.30
C LEU A 266 -34.64 -0.87 7.31
N PHE A 267 -34.83 0.42 7.03
CA PHE A 267 -35.62 1.31 7.87
C PHE A 267 -36.87 1.72 7.11
N LEU A 268 -37.99 1.80 7.83
CA LEU A 268 -39.27 2.19 7.26
C LEU A 268 -39.76 3.44 7.96
N ASN A 269 -39.90 4.53 7.20
CA ASN A 269 -40.21 5.84 7.74
C ASN A 269 -41.66 6.20 7.43
N LYS A 270 -42.09 7.34 7.98
CA LYS A 270 -43.45 7.86 7.79
C LYS A 270 -44.51 6.87 8.24
N LYS A 271 -44.24 6.19 9.35
CA LYS A 271 -45.21 5.25 9.92
C LYS A 271 -46.43 5.99 10.46
N ASP A 272 -46.20 7.12 11.13
CA ASP A 272 -47.30 7.85 11.75
C ASP A 272 -48.33 8.30 10.72
N LEU A 273 -47.86 8.83 9.58
CA LEU A 273 -48.79 9.23 8.53
C LEU A 273 -49.43 8.02 7.86
N PHE A 274 -48.69 6.92 7.73
CA PHE A 274 -49.24 5.69 7.18
C PHE A 274 -50.34 5.10 8.07
N GLU A 275 -50.37 5.47 9.35
CA GLU A 275 -51.42 4.96 10.23
C GLU A 275 -52.80 5.39 9.74
N GLU A 276 -52.97 6.66 9.37
CA GLU A 276 -54.26 7.14 8.90
C GLU A 276 -54.32 7.36 7.40
N LYS A 277 -53.24 7.11 6.67
CA LYS A 277 -53.32 7.19 5.21
C LYS A 277 -53.95 5.94 4.59
N ILE A 278 -54.09 4.86 5.36
CA ILE A 278 -54.65 3.62 4.83
C ILE A 278 -56.12 3.43 5.21
N LYS A 279 -56.62 4.16 6.21
CA LYS A 279 -58.01 4.03 6.62
C LYS A 279 -58.98 4.78 5.72
N LYS A 280 -58.47 5.57 4.77
CA LYS A 280 -59.30 6.30 3.84
C LYS A 280 -59.07 5.92 2.38
N SER A 281 -58.23 4.91 2.12
CA SER A 281 -57.93 4.50 0.75
C SER A 281 -57.46 3.05 0.78
N PRO A 282 -57.96 2.20 -0.12
CA PRO A 282 -57.53 0.80 -0.11
C PRO A 282 -56.07 0.64 -0.50
N LEU A 283 -55.43 -0.37 0.09
CA LEU A 283 -54.04 -0.68 -0.20
C LEU A 283 -53.89 -1.40 -1.54
N THR A 284 -54.98 -1.89 -2.12
CA THR A 284 -54.92 -2.64 -3.36
C THR A 284 -54.49 -1.81 -4.56
N ILE A 285 -54.43 -0.48 -4.41
CA ILE A 285 -54.02 0.38 -5.52
C ILE A 285 -52.61 0.03 -5.97
N CYS A 286 -51.69 -0.13 -5.01
CA CYS A 286 -50.32 -0.52 -5.32
C CYS A 286 -50.13 -2.02 -5.42
N TYR A 287 -50.98 -2.81 -4.76
CA TYR A 287 -50.91 -4.27 -4.79
C TYR A 287 -52.27 -4.81 -5.16
N PRO A 288 -52.60 -4.86 -6.45
CA PRO A 288 -53.91 -5.37 -6.87
C PRO A 288 -54.18 -6.81 -6.45
N GLU A 289 -53.15 -7.65 -6.37
CA GLU A 289 -53.30 -9.04 -5.98
C GLU A 289 -53.33 -9.24 -4.47
N TYR A 290 -53.55 -8.18 -3.70
CA TYR A 290 -53.62 -8.28 -2.26
C TYR A 290 -55.05 -8.54 -1.80
N ALA A 291 -55.18 -9.33 -0.73
CA ALA A 291 -56.50 -9.66 -0.17
C ALA A 291 -56.35 -9.71 1.35
N GLY A 292 -56.69 -8.61 2.02
CA GLY A 292 -56.60 -8.55 3.46
C GLY A 292 -57.28 -7.30 3.98
N SER A 293 -57.59 -7.34 5.28
CA SER A 293 -58.23 -6.20 5.93
C SER A 293 -57.32 -4.99 5.93
N ASN A 294 -57.91 -3.81 5.73
CA ASN A 294 -57.15 -2.57 5.59
C ASN A 294 -56.94 -1.94 6.97
N THR A 295 -55.85 -2.33 7.64
CA THR A 295 -55.43 -1.66 8.86
C THR A 295 -53.93 -1.85 9.03
N TYR A 296 -53.35 -1.03 9.91
CA TYR A 296 -51.89 -0.93 10.02
C TYR A 296 -51.25 -2.25 10.42
N GLU A 297 -51.89 -2.99 11.34
CA GLU A 297 -51.22 -4.08 12.03
C GLU A 297 -50.71 -5.15 11.07
N GLU A 298 -51.53 -5.56 10.11
CA GLU A 298 -51.09 -6.54 9.13
C GLU A 298 -50.61 -5.92 7.83
N ALA A 299 -50.97 -4.66 7.54
CA ALA A 299 -50.43 -4.00 6.36
C ALA A 299 -48.92 -3.83 6.49
N ALA A 300 -48.44 -3.43 7.67
CA ALA A 300 -47.00 -3.31 7.88
C ALA A 300 -46.31 -4.66 7.73
N ALA A 301 -46.92 -5.72 8.26
CA ALA A 301 -46.33 -7.05 8.13
C ALA A 301 -46.29 -7.49 6.67
N TYR A 302 -47.34 -7.18 5.90
CA TYR A 302 -47.34 -7.51 4.48
C TYR A 302 -46.23 -6.78 3.75
N ILE A 303 -46.03 -5.50 4.05
CA ILE A 303 -44.95 -4.75 3.43
C ILE A 303 -43.59 -5.35 3.78
N GLN A 304 -43.39 -5.68 5.06
CA GLN A 304 -42.12 -6.27 5.48
C GLN A 304 -41.86 -7.60 4.79
N CYS A 305 -42.89 -8.44 4.68
CA CYS A 305 -42.73 -9.71 3.98
C CYS A 305 -42.51 -9.51 2.49
N GLN A 306 -43.08 -8.44 1.92
CA GLN A 306 -42.81 -8.14 0.52
C GLN A 306 -41.36 -7.74 0.30
N PHE A 307 -40.75 -7.08 1.30
CA PHE A 307 -39.34 -6.73 1.17
C PHE A 307 -38.46 -7.98 1.09
N GLU A 308 -38.72 -8.96 1.95
CA GLU A 308 -37.80 -10.08 2.11
C GLU A 308 -37.79 -11.01 0.89
N ASP A 309 -38.79 -10.93 0.02
CA ASP A 309 -38.92 -11.83 -1.11
C ASP A 309 -38.12 -11.37 -2.33
N LEU A 310 -37.12 -10.52 -2.14
CA LEU A 310 -36.32 -10.00 -3.24
C LEU A 310 -34.92 -10.58 -3.30
N ASN A 311 -34.25 -10.75 -2.16
CA ASN A 311 -32.87 -11.22 -2.18
C ASN A 311 -32.81 -12.71 -2.48
N LYS A 312 -31.95 -13.09 -3.41
CA LYS A 312 -31.76 -14.49 -3.76
C LYS A 312 -30.61 -15.15 -2.99
N ARG A 313 -29.79 -14.36 -2.29
CA ARG A 313 -28.69 -14.89 -1.49
C ARG A 313 -29.17 -15.00 -0.05
N LYS A 314 -30.07 -15.95 0.19
CA LYS A 314 -30.66 -16.12 1.51
C LYS A 314 -29.72 -16.83 2.49
N ASP A 315 -28.84 -17.69 1.99
CA ASP A 315 -27.89 -18.40 2.83
C ASP A 315 -26.60 -17.61 3.07
N THR A 316 -26.41 -16.50 2.37
CA THR A 316 -25.18 -15.72 2.47
C THR A 316 -25.35 -14.43 3.27
N LYS A 317 -26.48 -13.74 3.13
CA LYS A 317 -26.71 -12.48 3.81
C LYS A 317 -28.03 -12.53 4.56
N GLU A 318 -28.14 -11.69 5.58
CA GLU A 318 -29.34 -11.57 6.40
C GLU A 318 -29.84 -10.14 6.35
N ILE A 319 -31.14 -9.96 6.13
CA ILE A 319 -31.77 -8.65 6.03
C ILE A 319 -32.43 -8.32 7.35
N TYR A 320 -32.13 -7.14 7.88
CA TYR A 320 -32.71 -6.65 9.13
C TYR A 320 -33.74 -5.58 8.81
N THR A 321 -34.93 -5.72 9.37
CA THR A 321 -36.02 -4.79 9.10
C THR A 321 -36.48 -4.15 10.41
N HIS A 322 -36.81 -2.87 10.35
CA HIS A 322 -37.23 -2.13 11.52
C HIS A 322 -38.32 -1.14 11.14
N PHE A 323 -39.18 -0.82 12.10
CA PHE A 323 -40.23 0.16 11.94
C PHE A 323 -39.97 1.34 12.86
N THR A 324 -40.01 2.55 12.31
CA THR A 324 -39.68 3.74 13.09
C THR A 324 -40.40 4.95 12.50
N CYS A 325 -40.46 6.01 13.30
CA CYS A 325 -41.07 7.27 12.89
C CYS A 325 -40.12 8.43 13.17
N ALA A 326 -40.59 9.65 13.01
CA ALA A 326 -39.76 10.81 13.31
C ALA A 326 -39.37 10.85 14.79
N THR A 327 -40.32 10.53 15.67
CA THR A 327 -40.05 10.42 17.10
C THR A 327 -39.58 8.98 17.40
N ASP A 328 -39.54 8.63 18.69
CA ASP A 328 -39.18 7.29 19.15
C ASP A 328 -37.77 6.93 18.67
N THR A 329 -36.80 7.67 19.19
CA THR A 329 -35.41 7.51 18.78
C THR A 329 -34.82 6.21 19.33
N LYS A 330 -34.95 5.13 18.55
CA LYS A 330 -34.37 3.84 18.92
C LYS A 330 -33.72 3.14 17.74
N ASN A 331 -33.37 3.87 16.68
CA ASN A 331 -32.73 3.26 15.53
C ASN A 331 -31.26 2.96 15.79
N VAL A 332 -30.63 3.72 16.68
CA VAL A 332 -29.21 3.52 16.96
C VAL A 332 -28.97 2.16 17.58
N GLN A 333 -29.85 1.71 18.48
CA GLN A 333 -29.75 0.37 19.03
C GLN A 333 -29.84 -0.68 17.93
N PHE A 334 -30.77 -0.50 16.99
CA PHE A 334 -30.92 -1.45 15.91
C PHE A 334 -29.66 -1.53 15.06
N VAL A 335 -29.10 -0.38 14.71
CA VAL A 335 -27.87 -0.37 13.91
C VAL A 335 -26.73 -1.05 14.67
N PHE A 336 -26.59 -0.72 15.96
CA PHE A 336 -25.52 -1.32 16.76
C PHE A 336 -25.67 -2.83 16.83
N ASP A 337 -26.88 -3.32 17.07
CA ASP A 337 -27.10 -4.77 17.17
C ASP A 337 -26.82 -5.46 15.84
N ALA A 338 -27.27 -4.88 14.73
CA ALA A 338 -27.03 -5.50 13.44
C ALA A 338 -25.53 -5.55 13.13
N VAL A 339 -24.81 -4.47 13.44
CA VAL A 339 -23.37 -4.44 13.19
C VAL A 339 -22.66 -5.47 14.08
N THR A 340 -23.08 -5.59 15.34
CA THR A 340 -22.49 -6.58 16.22
C THR A 340 -22.69 -7.99 15.67
N ASP A 341 -23.89 -8.30 15.20
CA ASP A 341 -24.16 -9.62 14.65
C ASP A 341 -23.31 -9.88 13.41
N VAL A 342 -23.20 -8.89 12.53
CA VAL A 342 -22.42 -9.05 11.31
C VAL A 342 -20.95 -9.30 11.64
N ILE A 343 -20.41 -8.53 12.59
CA ILE A 343 -19.01 -8.70 12.97
C ILE A 343 -18.78 -10.07 13.60
N ILE A 344 -19.70 -10.54 14.43
CA ILE A 344 -19.57 -11.86 15.02
C ILE A 344 -19.57 -12.94 13.94
N LYS A 345 -20.46 -12.80 12.96
CA LYS A 345 -20.50 -13.78 11.87
C LYS A 345 -19.20 -13.78 11.08
N ASN A 346 -18.64 -12.59 10.81
CA ASN A 346 -17.38 -12.52 10.09
C ASN A 346 -16.24 -13.16 10.89
N ASN A 347 -16.20 -12.91 12.19
CA ASN A 347 -15.19 -13.53 13.03
C ASN A 347 -15.32 -15.05 13.03
N LEU A 348 -16.56 -15.56 13.09
CA LEU A 348 -16.77 -16.99 13.03
C LEU A 348 -16.32 -17.57 11.69
N LYS A 349 -16.57 -16.85 10.60
CA LYS A 349 -16.13 -17.31 9.29
C LYS A 349 -14.61 -17.31 9.18
N ASP A 350 -13.94 -16.38 9.87
CA ASP A 350 -12.48 -16.30 9.78
C ASP A 350 -11.82 -17.55 10.36
N CYS A 351 -12.31 -18.04 11.50
CA CYS A 351 -11.68 -19.15 12.21
C CYS A 351 -11.96 -20.50 11.58
N GLY A 352 -12.56 -20.54 10.39
CA GLY A 352 -12.85 -21.78 9.71
C GLY A 352 -14.23 -22.34 9.97
N LEU A 353 -14.89 -21.90 11.03
CA LEU A 353 -16.24 -22.35 11.36
C LEU A 353 -17.24 -21.67 10.42
N PHE A 354 -18.53 -21.89 10.67
CA PHE A 354 -19.60 -21.25 9.89
C PHE A 354 -19.50 -21.55 8.40
N ASP B 9 -40.18 16.64 -37.52
CA ASP B 9 -39.01 17.45 -37.80
C ASP B 9 -38.09 16.76 -38.79
N GLN B 10 -37.73 17.48 -39.86
CA GLN B 10 -36.82 16.93 -40.86
C GLN B 10 -35.39 16.82 -40.38
N LEU B 11 -35.08 17.42 -39.23
CA LEU B 11 -33.70 17.43 -38.73
C LEU B 11 -33.21 16.02 -38.41
N ARG B 12 -34.11 15.13 -37.97
CA ARG B 12 -33.70 13.77 -37.64
C ARG B 12 -33.15 13.05 -38.87
N GLN B 13 -33.92 13.05 -39.97
CA GLN B 13 -33.43 12.40 -41.19
C GLN B 13 -32.29 13.18 -41.82
N GLU B 14 -32.23 14.50 -41.61
CA GLU B 14 -31.09 15.26 -42.08
C GLU B 14 -29.80 14.80 -41.40
N ALA B 15 -29.86 14.63 -40.08
CA ALA B 15 -28.69 14.11 -39.34
C ALA B 15 -28.39 12.67 -39.74
N GLU B 16 -29.42 11.87 -39.99
CA GLU B 16 -29.20 10.48 -40.40
C GLU B 16 -28.47 10.42 -41.74
N GLN B 17 -28.90 11.21 -42.71
CA GLN B 17 -28.24 11.20 -44.01
C GLN B 17 -26.85 11.83 -43.92
N LEU B 18 -26.66 12.81 -43.02
CA LEU B 18 -25.33 13.34 -42.80
C LEU B 18 -24.39 12.28 -42.24
N LYS B 19 -24.86 11.48 -41.29
CA LYS B 19 -24.05 10.40 -40.75
C LYS B 19 -23.76 9.35 -41.82
N ASN B 20 -24.75 9.06 -42.67
CA ASN B 20 -24.53 8.14 -43.78
C ASN B 20 -23.44 8.66 -44.71
N GLN B 21 -23.46 9.96 -45.00
CA GLN B 21 -22.43 10.56 -45.84
C GLN B 21 -21.07 10.52 -45.16
N ILE B 22 -21.03 10.70 -43.83
CA ILE B 22 -19.77 10.60 -43.10
C ILE B 22 -19.20 9.19 -43.22
N ARG B 23 -20.04 8.18 -43.03
CA ARG B 23 -19.59 6.80 -43.16
C ARG B 23 -19.31 6.40 -44.61
N ASP B 24 -19.82 7.18 -45.57
CA ASP B 24 -19.51 6.90 -46.98
C ASP B 24 -18.02 7.08 -47.26
N ALA B 25 -17.46 8.21 -46.86
CA ALA B 25 -16.04 8.51 -47.08
C ALA B 25 -15.27 8.11 -45.82
N ARG B 26 -15.43 6.85 -45.42
CA ARG B 26 -14.60 6.26 -44.38
C ARG B 26 -14.12 4.86 -44.70
N LYS B 27 -14.68 4.20 -45.71
CA LYS B 27 -14.22 2.90 -46.16
C LYS B 27 -13.66 2.93 -47.58
N ALA B 28 -13.95 3.98 -48.36
CA ALA B 28 -13.34 4.12 -49.67
C ALA B 28 -11.84 4.30 -49.58
N CYS B 29 -11.35 4.86 -48.48
CA CYS B 29 -9.93 5.03 -48.24
C CYS B 29 -9.30 3.82 -47.56
N ALA B 30 -10.10 2.82 -47.19
CA ALA B 30 -9.58 1.61 -46.55
C ALA B 30 -9.36 0.52 -47.60
N ASP B 31 -8.36 0.75 -48.45
CA ASP B 31 -8.02 -0.22 -49.49
C ASP B 31 -7.51 -1.52 -48.87
N ALA B 32 -6.69 -1.43 -47.84
CA ALA B 32 -6.17 -2.61 -47.16
C ALA B 32 -6.03 -2.30 -45.68
N THR B 33 -6.05 -3.36 -44.86
CA THR B 33 -5.92 -3.23 -43.43
C THR B 33 -4.45 -3.06 -43.05
N LEU B 34 -4.18 -2.99 -41.73
CA LEU B 34 -2.80 -2.96 -41.28
C LEU B 34 -2.09 -4.26 -41.63
N SER B 35 -2.78 -5.38 -41.51
CA SER B 35 -2.25 -6.65 -41.97
C SER B 35 -2.15 -6.66 -43.49
N GLN B 36 -1.55 -7.73 -44.01
CA GLN B 36 -1.25 -7.90 -45.44
C GLN B 36 -0.15 -6.95 -45.88
N ILE B 37 0.30 -6.08 -44.97
CA ILE B 37 1.45 -5.22 -45.23
C ILE B 37 2.49 -5.50 -44.16
N THR B 38 2.04 -5.90 -42.97
CA THR B 38 2.92 -6.26 -41.88
C THR B 38 3.17 -7.76 -41.77
N ASN B 39 2.57 -8.56 -42.66
CA ASN B 39 2.74 -10.00 -42.60
C ASN B 39 4.14 -10.43 -43.04
N ASN B 40 4.83 -9.61 -43.82
CA ASN B 40 6.13 -10.01 -44.35
C ASN B 40 7.23 -9.95 -43.29
N ILE B 41 7.10 -9.06 -42.31
CA ILE B 41 8.18 -8.89 -41.33
C ILE B 41 8.16 -10.04 -40.32
N ASP B 42 9.32 -10.27 -39.70
CA ASP B 42 9.48 -11.34 -38.73
C ASP B 42 8.81 -10.96 -37.41
N PRO B 43 8.31 -11.96 -36.66
CA PRO B 43 7.64 -11.67 -35.39
C PRO B 43 8.63 -11.33 -34.29
N VAL B 44 8.09 -10.76 -33.21
CA VAL B 44 8.90 -10.41 -32.05
C VAL B 44 9.48 -11.66 -31.41
N GLY B 45 8.67 -12.69 -31.25
CA GLY B 45 9.12 -13.91 -30.61
C GLY B 45 8.47 -14.13 -29.26
N ARG B 46 9.29 -14.32 -28.22
CA ARG B 46 8.80 -14.52 -26.87
C ARG B 46 9.39 -13.43 -25.97
N ILE B 47 8.54 -12.85 -25.13
CA ILE B 47 8.95 -11.81 -24.19
C ILE B 47 8.86 -12.41 -22.79
N GLN B 48 9.99 -12.50 -22.11
CA GLN B 48 10.07 -13.09 -20.78
C GLN B 48 10.53 -12.01 -19.81
N MET B 49 9.58 -11.26 -19.28
CA MET B 49 9.87 -10.22 -18.29
C MET B 49 9.75 -10.80 -16.89
N ARG B 50 10.59 -10.29 -15.99
CA ARG B 50 10.63 -10.78 -14.62
C ARG B 50 10.44 -9.61 -13.66
N THR B 51 9.83 -9.91 -12.51
CA THR B 51 9.55 -8.89 -11.51
C THR B 51 10.86 -8.46 -10.87
N ARG B 52 11.39 -7.31 -11.32
CA ARG B 52 12.63 -6.81 -10.74
C ARG B 52 12.39 -6.21 -9.36
N ARG B 53 11.28 -5.50 -9.18
CA ARG B 53 10.98 -4.83 -7.93
C ARG B 53 9.53 -5.09 -7.56
N THR B 54 9.26 -4.99 -6.25
CA THR B 54 7.89 -5.13 -5.73
C THR B 54 7.70 -4.03 -4.69
N LEU B 55 6.82 -3.09 -4.98
CA LEU B 55 6.61 -1.92 -4.14
C LEU B 55 5.41 -2.18 -3.26
N ARG B 56 5.65 -2.37 -1.96
CA ARG B 56 4.61 -2.83 -1.04
C ARG B 56 4.48 -1.85 0.13
N GLY B 57 3.64 -0.83 -0.05
CA GLY B 57 3.36 0.09 1.04
C GLY B 57 1.90 0.44 1.21
N HIS B 58 1.07 0.10 0.22
CA HIS B 58 -0.33 0.49 0.22
C HIS B 58 -1.17 -0.55 0.95
N LEU B 59 -2.26 -0.10 1.57
CA LEU B 59 -3.12 -0.94 2.39
C LEU B 59 -4.55 -0.99 1.87
N ALA B 60 -4.73 -0.79 0.57
CA ALA B 60 -6.05 -0.83 -0.05
C ALA B 60 -5.87 -1.01 -1.55
N LYS B 61 -6.96 -0.83 -2.30
CA LYS B 61 -6.93 -1.04 -3.74
C LYS B 61 -6.30 0.16 -4.43
N ILE B 62 -5.22 -0.08 -5.16
CA ILE B 62 -4.53 0.97 -5.90
C ILE B 62 -5.34 1.26 -7.17
N TYR B 63 -5.63 2.55 -7.41
CA TYR B 63 -6.50 2.90 -8.53
C TYR B 63 -5.80 3.59 -9.70
N ALA B 64 -4.70 4.29 -9.47
CA ALA B 64 -4.00 4.92 -10.58
C ALA B 64 -2.56 5.23 -10.17
N MET B 65 -1.73 5.46 -11.18
CA MET B 65 -0.35 5.85 -10.97
C MET B 65 0.18 6.55 -12.21
N HIS B 66 1.33 7.20 -12.08
CA HIS B 66 1.94 7.90 -13.21
C HIS B 66 3.45 7.89 -13.07
N TRP B 67 4.13 7.82 -14.20
CA TRP B 67 5.59 7.80 -14.26
C TRP B 67 6.14 9.21 -14.35
N GLY B 68 7.24 9.45 -13.63
CA GLY B 68 7.95 10.70 -13.78
C GLY B 68 8.68 10.80 -15.11
N THR B 69 9.07 12.03 -15.46
CA THR B 69 9.75 12.24 -16.74
C THR B 69 11.17 11.71 -16.72
N ASP B 70 11.82 11.71 -15.56
CA ASP B 70 13.16 11.15 -15.44
C ASP B 70 13.17 9.63 -15.40
N SER B 71 11.99 9.00 -15.39
CA SER B 71 11.85 7.54 -15.44
C SER B 71 12.50 6.88 -14.24
N ARG B 72 12.48 7.53 -13.08
CA ARG B 72 12.99 6.91 -11.86
C ARG B 72 11.99 7.07 -10.71
N LEU B 73 11.16 8.11 -10.79
CA LEU B 73 10.16 8.36 -9.76
C LEU B 73 8.76 8.08 -10.31
N LEU B 74 7.88 7.63 -9.43
CA LEU B 74 6.47 7.45 -9.78
C LEU B 74 5.61 7.83 -8.58
N VAL B 75 4.31 7.96 -8.82
CA VAL B 75 3.35 8.29 -7.78
C VAL B 75 2.18 7.31 -7.88
N SER B 76 1.64 6.90 -6.74
CA SER B 76 0.54 5.95 -6.72
C SER B 76 -0.46 6.33 -5.64
N ALA B 77 -1.75 6.05 -5.91
CA ALA B 77 -2.82 6.36 -4.98
C ALA B 77 -3.78 5.17 -4.86
N SER B 78 -4.33 5.01 -3.66
CA SER B 78 -5.25 3.94 -3.36
C SER B 78 -6.43 4.51 -2.57
N GLN B 79 -7.35 3.64 -2.18
CA GLN B 79 -8.51 4.02 -1.39
C GLN B 79 -8.18 4.27 0.07
N ASP B 80 -6.94 3.99 0.49
CA ASP B 80 -6.54 4.17 1.88
C ASP B 80 -6.56 5.64 2.30
N GLY B 81 -6.66 6.56 1.36
CA GLY B 81 -6.63 7.97 1.67
C GLY B 81 -5.28 8.62 1.58
N LYS B 82 -4.30 7.98 0.95
CA LYS B 82 -2.97 8.53 0.79
C LYS B 82 -2.49 8.28 -0.63
N LEU B 83 -1.61 9.16 -1.11
CA LEU B 83 -0.86 8.90 -2.33
C LEU B 83 0.62 9.12 -2.04
N ILE B 84 1.46 8.22 -2.54
CA ILE B 84 2.86 8.20 -2.17
C ILE B 84 3.73 8.13 -3.40
N ILE B 85 4.97 8.61 -3.25
CA ILE B 85 5.93 8.74 -4.33
C ILE B 85 7.01 7.69 -4.14
N TRP B 86 7.20 6.85 -5.15
CA TRP B 86 8.13 5.74 -5.12
C TRP B 86 9.38 6.08 -5.92
N ASP B 87 10.55 5.79 -5.33
CA ASP B 87 11.81 5.77 -6.05
C ASP B 87 11.99 4.38 -6.66
N SER B 88 11.80 4.28 -7.98
CA SER B 88 11.71 2.99 -8.64
C SER B 88 13.02 2.21 -8.65
N TYR B 89 14.15 2.82 -8.31
CA TYR B 89 15.43 2.13 -8.36
C TYR B 89 15.75 1.41 -7.05
N THR B 90 15.80 2.16 -5.95
CA THR B 90 16.17 1.59 -4.67
C THR B 90 14.97 1.15 -3.84
N THR B 91 13.75 1.29 -4.36
CA THR B 91 12.52 0.96 -3.65
C THR B 91 12.44 1.74 -2.34
N ASN B 92 12.34 3.05 -2.51
CA ASN B 92 12.30 3.99 -1.39
C ASN B 92 11.09 4.90 -1.53
N LYS B 93 10.59 5.37 -0.39
CA LYS B 93 9.45 6.27 -0.35
C LYS B 93 9.94 7.69 -0.13
N VAL B 94 9.72 8.56 -1.13
CA VAL B 94 10.16 9.94 -1.03
C VAL B 94 9.13 10.81 -0.30
N HIS B 95 7.87 10.73 -0.71
CA HIS B 95 6.80 11.54 -0.14
C HIS B 95 5.58 10.68 0.12
N ALA B 96 4.82 11.05 1.15
CA ALA B 96 3.54 10.41 1.45
C ALA B 96 2.55 11.52 1.79
N ILE B 97 1.57 11.74 0.92
CA ILE B 97 0.64 12.85 1.02
C ILE B 97 -0.73 12.29 1.39
N PRO B 98 -1.29 12.64 2.55
CA PRO B 98 -2.67 12.25 2.86
C PRO B 98 -3.67 13.27 2.35
N LEU B 99 -4.66 12.81 1.60
CA LEU B 99 -5.67 13.69 1.02
C LEU B 99 -6.99 13.55 1.76
N ARG B 100 -7.81 14.61 1.66
CA ARG B 100 -9.01 14.71 2.47
C ARG B 100 -10.08 13.71 2.04
N SER B 101 -10.34 13.62 0.73
CA SER B 101 -11.35 12.71 0.21
C SER B 101 -10.66 11.40 -0.17
N SER B 102 -10.98 10.33 0.55
CA SER B 102 -10.32 9.05 0.35
C SER B 102 -10.76 8.34 -0.92
N TRP B 103 -11.80 8.83 -1.60
CA TRP B 103 -12.31 8.16 -2.80
C TRP B 103 -11.53 8.64 -4.02
N VAL B 104 -10.26 8.25 -4.06
CA VAL B 104 -9.39 8.62 -5.16
C VAL B 104 -9.75 7.80 -6.41
N MET B 105 -9.55 8.41 -7.57
CA MET B 105 -9.79 7.71 -8.83
C MET B 105 -8.71 7.93 -9.88
N THR B 106 -7.82 8.90 -9.73
CA THR B 106 -6.85 9.19 -10.78
C THR B 106 -5.66 9.93 -10.18
N CYS B 107 -4.57 9.98 -10.96
CA CYS B 107 -3.35 10.67 -10.58
C CYS B 107 -2.71 11.29 -11.80
N ALA B 108 -1.82 12.25 -11.55
CA ALA B 108 -1.03 12.87 -12.61
C ALA B 108 0.27 13.38 -12.01
N TYR B 109 1.28 13.50 -12.87
CA TYR B 109 2.60 13.96 -12.47
C TYR B 109 3.01 15.09 -13.40
N ALA B 110 3.43 16.21 -12.84
CA ALA B 110 3.82 17.34 -13.66
C ALA B 110 5.09 17.00 -14.44
N PRO B 111 5.17 17.40 -15.72
CA PRO B 111 6.40 17.12 -16.49
C PRO B 111 7.63 17.79 -15.90
N SER B 112 7.47 18.93 -15.24
CA SER B 112 8.59 19.56 -14.56
C SER B 112 8.96 18.86 -13.26
N GLY B 113 8.09 18.01 -12.73
CA GLY B 113 8.36 17.33 -11.48
C GLY B 113 8.06 18.13 -10.23
N ASN B 114 7.35 19.25 -10.35
CA ASN B 114 7.07 20.11 -9.21
C ASN B 114 5.71 19.87 -8.58
N TYR B 115 4.73 19.42 -9.36
CA TYR B 115 3.35 19.34 -8.90
C TYR B 115 2.78 17.95 -9.14
N VAL B 116 1.76 17.60 -8.34
CA VAL B 116 0.97 16.39 -8.56
C VAL B 116 -0.51 16.77 -8.51
N ALA B 117 -1.32 15.93 -9.15
CA ALA B 117 -2.76 16.15 -9.23
C ALA B 117 -3.50 14.91 -8.76
N CYS B 118 -4.75 15.10 -8.38
CA CYS B 118 -5.57 14.01 -7.84
C CYS B 118 -7.03 14.28 -8.22
N GLY B 119 -7.95 13.61 -7.56
CA GLY B 119 -9.36 13.84 -7.80
C GLY B 119 -10.20 12.59 -7.91
N GLY B 120 -11.35 12.56 -7.23
CA GLY B 120 -12.20 11.40 -7.25
C GLY B 120 -13.69 11.70 -7.20
N LEU B 121 -14.40 11.05 -6.28
CA LEU B 121 -15.84 11.22 -6.12
C LEU B 121 -16.23 12.48 -5.37
N ASP B 122 -15.27 13.34 -5.02
CA ASP B 122 -15.59 14.59 -4.35
C ASP B 122 -15.79 15.74 -5.33
N ASN B 123 -15.76 15.48 -6.63
CA ASN B 123 -16.02 16.46 -7.69
C ASN B 123 -14.96 17.54 -7.77
N ILE B 124 -13.82 17.37 -7.10
CA ILE B 124 -12.79 18.40 -6.99
C ILE B 124 -11.46 17.79 -7.39
N CYS B 125 -10.68 18.54 -8.17
CA CYS B 125 -9.34 18.12 -8.57
C CYS B 125 -8.31 18.92 -7.76
N SER B 126 -7.54 18.24 -6.94
CA SER B 126 -6.60 18.89 -6.04
C SER B 126 -5.21 18.90 -6.64
N ILE B 127 -4.52 20.03 -6.52
CA ILE B 127 -3.17 20.22 -7.04
C ILE B 127 -2.25 20.48 -5.86
N TYR B 128 -1.24 19.61 -5.71
CA TYR B 128 -0.27 19.67 -4.61
C TYR B 128 1.10 20.06 -5.15
N ASN B 129 1.82 20.84 -4.35
CA ASN B 129 3.15 21.34 -4.69
C ASN B 129 4.20 20.55 -3.93
N LEU B 130 5.11 19.90 -4.67
CA LEU B 130 6.12 19.03 -4.06
C LEU B 130 7.34 19.78 -3.56
N LYS B 131 7.79 20.79 -4.30
CA LYS B 131 9.04 21.50 -3.99
C LYS B 131 8.69 22.84 -3.36
N THR B 132 8.60 22.84 -2.03
CA THR B 132 8.33 24.05 -1.26
C THR B 132 9.54 24.38 -0.40
N ARG B 133 9.49 25.56 0.21
CA ARG B 133 10.57 26.03 1.08
C ARG B 133 10.36 25.65 2.55
N GLU B 134 9.26 24.98 2.88
CA GLU B 134 8.97 24.58 4.25
C GLU B 134 9.22 23.10 4.50
N GLY B 135 9.58 22.33 3.47
CA GLY B 135 9.95 20.94 3.64
C GLY B 135 8.82 19.95 3.53
N ASN B 136 7.57 20.40 3.41
CA ASN B 136 6.43 19.50 3.31
C ASN B 136 5.62 19.81 2.06
N VAL B 137 4.78 18.86 1.68
CA VAL B 137 3.89 19.02 0.53
C VAL B 137 2.56 19.59 1.03
N ARG B 138 2.14 20.70 0.43
CA ARG B 138 0.89 21.35 0.77
C ARG B 138 0.03 21.50 -0.46
N VAL B 139 -1.29 21.43 -0.26
CA VAL B 139 -2.21 21.55 -1.38
C VAL B 139 -2.16 22.98 -1.93
N SER B 140 -1.90 23.10 -3.22
CA SER B 140 -1.75 24.40 -3.86
C SER B 140 -3.04 24.92 -4.44
N ARG B 141 -3.91 24.06 -4.95
CA ARG B 141 -5.15 24.53 -5.56
C ARG B 141 -6.22 23.45 -5.45
N GLU B 142 -7.48 23.87 -5.49
CA GLU B 142 -8.63 22.96 -5.51
C GLU B 142 -9.55 23.38 -6.66
N LEU B 143 -9.36 22.78 -7.83
CA LEU B 143 -10.22 23.04 -8.98
C LEU B 143 -11.60 22.45 -8.72
N ALA B 144 -12.62 23.31 -8.73
CA ALA B 144 -13.99 22.90 -8.51
C ALA B 144 -14.89 23.49 -9.59
N GLY B 145 -15.97 22.78 -9.90
CA GLY B 145 -16.86 23.21 -10.97
C GLY B 145 -17.48 22.06 -11.74
N HIS B 146 -17.05 20.84 -11.45
CA HIS B 146 -17.62 19.65 -12.05
C HIS B 146 -18.75 19.12 -11.18
N THR B 147 -19.70 18.43 -11.83
CA THR B 147 -20.83 17.82 -11.14
C THR B 147 -20.76 16.30 -11.14
N GLY B 148 -19.63 15.72 -11.56
CA GLY B 148 -19.43 14.29 -11.54
C GLY B 148 -18.03 13.96 -11.07
N TYR B 149 -17.81 12.68 -10.79
CA TYR B 149 -16.52 12.24 -10.26
C TYR B 149 -15.41 12.50 -11.28
N LEU B 150 -14.26 12.91 -10.78
CA LEU B 150 -13.09 13.09 -11.62
C LEU B 150 -12.54 11.74 -12.03
N SER B 151 -12.47 11.50 -13.34
CA SER B 151 -12.05 10.22 -13.88
C SER B 151 -10.59 10.21 -14.32
N CYS B 152 -10.06 11.32 -14.82
CA CYS B 152 -8.69 11.38 -15.28
C CYS B 152 -8.15 12.79 -15.13
N CYS B 153 -6.83 12.90 -15.09
CA CYS B 153 -6.13 14.18 -14.99
C CYS B 153 -4.80 14.08 -15.71
N ARG B 154 -4.51 15.08 -16.55
CA ARG B 154 -3.24 15.17 -17.25
C ARG B 154 -2.73 16.61 -17.16
N PHE B 155 -1.41 16.76 -17.12
CA PHE B 155 -0.78 18.07 -17.05
C PHE B 155 -0.34 18.50 -18.45
N LEU B 156 -0.75 19.70 -18.85
CA LEU B 156 -0.30 20.26 -20.12
C LEU B 156 1.04 20.97 -19.95
N ASP B 157 1.08 21.95 -19.06
CA ASP B 157 2.29 22.69 -18.73
C ASP B 157 2.34 22.82 -17.21
N ASP B 158 3.22 23.69 -16.72
CA ASP B 158 3.31 23.90 -15.29
C ASP B 158 2.11 24.65 -14.74
N ASN B 159 1.27 25.24 -15.61
CA ASN B 159 0.14 26.05 -15.17
C ASN B 159 -1.20 25.63 -15.74
N GLN B 160 -1.24 24.75 -16.75
CA GLN B 160 -2.49 24.31 -17.35
C GLN B 160 -2.72 22.84 -17.06
N ILE B 161 -3.99 22.43 -17.08
CA ILE B 161 -4.37 21.06 -16.78
C ILE B 161 -5.72 20.74 -17.42
N VAL B 162 -5.82 19.57 -18.05
CA VAL B 162 -7.06 19.09 -18.63
C VAL B 162 -7.61 17.97 -17.76
N THR B 163 -8.90 18.05 -17.42
CA THR B 163 -9.54 17.10 -16.55
C THR B 163 -10.79 16.52 -17.21
N SER B 164 -11.07 15.27 -16.86
CA SER B 164 -12.23 14.53 -17.33
C SER B 164 -13.08 14.17 -16.12
N SER B 165 -14.40 14.30 -16.24
CA SER B 165 -15.28 14.10 -15.10
C SER B 165 -16.47 13.24 -15.49
N GLY B 166 -17.08 12.63 -14.49
CA GLY B 166 -18.22 11.75 -14.72
C GLY B 166 -19.52 12.50 -14.92
N ASP B 167 -19.44 13.73 -15.41
CA ASP B 167 -20.61 14.54 -15.71
C ASP B 167 -20.66 14.94 -17.17
N THR B 168 -20.06 14.12 -18.04
CA THR B 168 -20.09 14.16 -19.49
C THR B 168 -19.18 15.29 -20.05
N THR B 169 -18.63 16.15 -19.22
CA THR B 169 -17.87 17.30 -19.70
C THR B 169 -16.40 17.17 -19.35
N CYS B 170 -15.55 17.57 -20.29
CA CYS B 170 -14.12 17.75 -20.05
C CYS B 170 -13.82 19.23 -19.88
N ALA B 171 -12.72 19.54 -19.20
CA ALA B 171 -12.45 20.95 -18.91
C ALA B 171 -10.95 21.21 -18.91
N LEU B 172 -10.54 22.23 -19.65
CA LEU B 172 -9.17 22.75 -19.61
C LEU B 172 -9.17 23.95 -18.68
N TRP B 173 -8.32 23.90 -17.67
CA TRP B 173 -8.33 24.86 -16.57
C TRP B 173 -7.14 25.81 -16.67
N ASP B 174 -7.04 26.66 -15.66
CA ASP B 174 -5.93 27.62 -15.53
C ASP B 174 -5.62 27.69 -14.04
N ILE B 175 -4.58 26.95 -13.62
CA ILE B 175 -4.33 26.77 -12.19
C ILE B 175 -4.05 28.09 -11.50
N GLU B 176 -3.50 29.06 -12.23
CA GLU B 176 -3.17 30.34 -11.61
C GLU B 176 -4.41 31.04 -11.07
N THR B 177 -5.50 31.06 -11.83
CA THR B 177 -6.73 31.70 -11.40
C THR B 177 -7.70 30.69 -10.78
N GLY B 178 -7.79 29.49 -11.34
CA GLY B 178 -8.70 28.48 -10.85
C GLY B 178 -10.00 28.36 -11.62
N GLN B 179 -10.13 29.03 -12.75
CA GLN B 179 -11.36 29.04 -13.52
C GLN B 179 -11.22 28.15 -14.76
N GLN B 180 -12.35 27.63 -15.22
CA GLN B 180 -12.39 26.80 -16.42
C GLN B 180 -12.12 27.67 -17.63
N THR B 181 -10.91 27.58 -18.16
CA THR B 181 -10.58 28.33 -19.38
C THR B 181 -11.40 27.84 -20.56
N THR B 182 -11.56 26.54 -20.71
CA THR B 182 -12.31 25.97 -21.82
C THR B 182 -13.09 24.76 -21.33
N THR B 183 -14.27 24.56 -21.91
CA THR B 183 -15.13 23.42 -21.59
C THR B 183 -15.45 22.67 -22.86
N PHE B 184 -15.28 21.35 -22.83
CA PHE B 184 -15.55 20.47 -23.96
C PHE B 184 -16.77 19.62 -23.62
N THR B 185 -17.86 19.82 -24.37
CA THR B 185 -19.13 19.13 -24.16
C THR B 185 -19.57 18.54 -25.49
N GLY B 186 -19.32 17.25 -25.69
CA GLY B 186 -19.76 16.59 -26.91
C GLY B 186 -20.23 15.16 -26.73
N HIS B 187 -20.20 14.66 -25.50
CA HIS B 187 -20.59 13.29 -25.22
C HIS B 187 -22.03 13.21 -24.74
N THR B 188 -22.51 11.98 -24.59
CA THR B 188 -23.82 11.72 -24.00
C THR B 188 -23.75 10.82 -22.78
N GLY B 189 -22.58 10.27 -22.46
CA GLY B 189 -22.43 9.43 -21.28
C GLY B 189 -21.38 9.98 -20.33
N ASP B 190 -20.58 9.11 -19.73
CA ASP B 190 -19.55 9.50 -18.80
C ASP B 190 -18.19 9.25 -19.44
N VAL B 191 -17.32 10.26 -19.42
CA VAL B 191 -15.97 10.12 -19.97
C VAL B 191 -15.08 9.47 -18.92
N MET B 192 -14.38 8.42 -19.32
CA MET B 192 -13.64 7.55 -18.41
C MET B 192 -12.14 7.81 -18.40
N SER B 193 -11.53 8.13 -19.53
CA SER B 193 -10.08 8.23 -19.61
C SER B 193 -9.68 9.41 -20.48
N LEU B 194 -8.37 9.64 -20.58
CA LEU B 194 -7.83 10.82 -21.22
C LEU B 194 -6.37 10.55 -21.58
N SER B 195 -5.91 11.19 -22.66
CA SER B 195 -4.51 11.07 -23.07
C SER B 195 -4.13 12.29 -23.89
N LEU B 196 -2.93 12.80 -23.65
CA LEU B 196 -2.40 13.97 -24.33
C LEU B 196 -1.47 13.58 -25.47
N ALA B 197 -1.43 14.43 -26.49
CA ALA B 197 -0.51 14.21 -27.59
C ALA B 197 0.92 14.54 -27.15
N PRO B 198 1.92 13.99 -27.86
CA PRO B 198 3.32 14.32 -27.50
C PRO B 198 3.63 15.80 -27.55
N ASP B 199 3.04 16.54 -28.48
CA ASP B 199 3.27 17.98 -28.62
C ASP B 199 2.33 18.82 -27.77
N THR B 200 1.38 18.21 -27.08
CA THR B 200 0.44 18.91 -26.20
C THR B 200 -0.33 19.99 -26.93
N ARG B 201 -0.69 19.71 -28.18
CA ARG B 201 -1.52 20.61 -28.98
C ARG B 201 -2.96 20.13 -29.10
N LEU B 202 -3.21 18.86 -28.87
CA LEU B 202 -4.52 18.25 -28.99
C LEU B 202 -4.56 17.00 -28.12
N PHE B 203 -5.77 16.56 -27.77
CA PHE B 203 -5.90 15.37 -26.95
C PHE B 203 -7.13 14.58 -27.39
N VAL B 204 -7.25 13.37 -26.84
CA VAL B 204 -8.39 12.50 -27.13
C VAL B 204 -8.96 12.00 -25.81
N SER B 205 -10.27 11.76 -25.80
CA SER B 205 -10.95 11.23 -24.63
C SER B 205 -11.92 10.16 -25.08
N GLY B 206 -12.26 9.27 -24.15
CA GLY B 206 -13.21 8.21 -24.43
C GLY B 206 -14.23 8.10 -23.32
N ALA B 207 -15.45 7.72 -23.71
CA ALA B 207 -16.57 7.79 -22.77
C ALA B 207 -17.33 6.48 -22.73
N CYS B 208 -18.29 6.42 -21.80
CA CYS B 208 -19.21 5.30 -21.69
C CYS B 208 -20.17 5.21 -22.88
N ASP B 209 -20.13 6.18 -23.79
CA ASP B 209 -20.88 6.12 -25.04
C ASP B 209 -20.31 5.09 -26.01
N ALA B 210 -19.28 4.34 -25.60
CA ALA B 210 -18.52 3.49 -26.52
C ALA B 210 -17.98 4.30 -27.69
N SER B 211 -17.51 5.51 -27.40
CA SER B 211 -16.98 6.38 -28.43
C SER B 211 -15.89 7.27 -27.84
N ALA B 212 -15.03 7.75 -28.74
CA ALA B 212 -13.93 8.64 -28.39
C ALA B 212 -13.98 9.88 -29.24
N LYS B 213 -13.54 11.00 -28.67
CA LYS B 213 -13.56 12.29 -29.33
C LYS B 213 -12.17 12.92 -29.29
N LEU B 214 -11.82 13.60 -30.39
CA LEU B 214 -10.54 14.27 -30.54
C LEU B 214 -10.74 15.77 -30.38
N TRP B 215 -10.22 16.32 -29.28
CA TRP B 215 -10.42 17.72 -28.92
C TRP B 215 -9.16 18.53 -29.20
N ASP B 216 -9.33 19.66 -29.87
CA ASP B 216 -8.26 20.64 -30.03
C ASP B 216 -8.22 21.53 -28.79
N VAL B 217 -7.04 21.66 -28.20
CA VAL B 217 -6.92 22.40 -26.93
C VAL B 217 -7.16 23.89 -27.15
N ARG B 218 -6.65 24.44 -28.26
CA ARG B 218 -6.74 25.88 -28.49
C ARG B 218 -8.17 26.31 -28.78
N GLU B 219 -8.75 25.80 -29.86
CA GLU B 219 -10.10 26.21 -30.24
C GLU B 219 -11.16 25.64 -29.30
N GLY B 220 -10.87 24.55 -28.60
CA GLY B 220 -11.83 23.96 -27.69
C GLY B 220 -13.06 23.37 -28.35
N MET B 221 -12.90 22.73 -29.49
CA MET B 221 -14.01 22.12 -30.21
C MET B 221 -13.59 20.76 -30.74
N CYS B 222 -14.51 19.80 -30.67
CA CYS B 222 -14.21 18.44 -31.10
C CYS B 222 -13.94 18.41 -32.60
N ARG B 223 -12.90 17.65 -32.98
CA ARG B 223 -12.50 17.53 -34.37
C ARG B 223 -13.02 16.25 -35.02
N GLN B 224 -12.81 15.10 -34.39
CA GLN B 224 -13.18 13.82 -34.96
C GLN B 224 -13.79 12.92 -33.90
N THR B 225 -14.62 11.99 -34.35
CA THR B 225 -15.27 11.01 -33.48
C THR B 225 -14.94 9.61 -33.96
N PHE B 226 -14.60 8.73 -33.02
CA PHE B 226 -14.22 7.36 -33.32
C PHE B 226 -15.16 6.40 -32.58
N THR B 227 -15.70 5.43 -33.31
CA THR B 227 -16.59 4.43 -32.76
C THR B 227 -16.13 3.04 -33.22
N GLY B 228 -16.76 2.02 -32.65
CA GLY B 228 -16.42 0.65 -33.01
C GLY B 228 -16.49 -0.31 -31.84
N HIS B 229 -16.42 0.21 -30.62
CA HIS B 229 -16.57 -0.62 -29.44
C HIS B 229 -18.06 -0.88 -29.15
N GLU B 230 -18.30 -1.85 -28.28
CA GLU B 230 -19.64 -2.28 -27.95
C GLU B 230 -20.04 -2.00 -26.50
N SER B 231 -19.10 -1.61 -25.65
CA SER B 231 -19.39 -1.36 -24.25
C SER B 231 -18.56 -0.17 -23.78
N ASP B 232 -18.63 0.10 -22.47
CA ASP B 232 -17.92 1.22 -21.90
C ASP B 232 -16.42 1.05 -22.07
N ILE B 233 -15.73 2.14 -22.40
CA ILE B 233 -14.29 2.10 -22.63
C ILE B 233 -13.61 2.80 -21.46
N ASN B 234 -12.44 2.29 -21.07
CA ASN B 234 -11.81 2.69 -19.81
C ASN B 234 -10.38 3.15 -19.94
N ALA B 235 -9.76 3.06 -21.11
CA ALA B 235 -8.34 3.40 -21.24
C ALA B 235 -8.04 3.96 -22.61
N ILE B 236 -7.18 4.98 -22.65
CA ILE B 236 -6.74 5.64 -23.88
C ILE B 236 -5.25 5.92 -23.76
N CYS B 237 -4.53 5.71 -24.86
CA CYS B 237 -3.13 6.13 -24.95
C CYS B 237 -2.78 6.42 -26.41
N PHE B 238 -1.93 7.44 -26.60
CA PHE B 238 -1.42 7.78 -27.92
C PHE B 238 -0.24 6.90 -28.32
N PHE B 239 -0.13 6.66 -29.62
CA PHE B 239 1.09 6.11 -30.17
C PHE B 239 2.23 7.11 -30.02
N PRO B 240 3.46 6.64 -29.85
CA PRO B 240 4.59 7.58 -29.68
C PRO B 240 4.75 8.57 -30.81
N ASN B 241 4.39 8.19 -32.04
CA ASN B 241 4.45 9.13 -33.16
C ASN B 241 3.35 10.17 -33.09
N GLY B 242 2.33 9.96 -32.27
CA GLY B 242 1.25 10.90 -32.12
C GLY B 242 0.19 10.85 -33.20
N ASN B 243 0.26 9.90 -34.13
CA ASN B 243 -0.69 9.80 -35.23
C ASN B 243 -1.63 8.62 -35.10
N ALA B 244 -1.69 7.99 -33.93
CA ALA B 244 -2.59 6.87 -33.69
C ALA B 244 -2.81 6.75 -32.20
N PHE B 245 -3.85 6.00 -31.82
CA PHE B 245 -4.10 5.78 -30.41
C PHE B 245 -4.80 4.44 -30.21
N ALA B 246 -4.84 3.99 -28.95
CA ALA B 246 -5.37 2.68 -28.61
C ALA B 246 -6.41 2.81 -27.50
N THR B 247 -7.42 1.95 -27.57
CA THR B 247 -8.57 1.97 -26.67
C THR B 247 -8.81 0.57 -26.14
N GLY B 248 -9.36 0.52 -24.92
CA GLY B 248 -9.72 -0.74 -24.29
C GLY B 248 -11.03 -0.64 -23.54
N SER B 249 -11.96 -1.54 -23.83
CA SER B 249 -13.32 -1.46 -23.32
C SER B 249 -13.64 -2.66 -22.44
N ASP B 250 -14.86 -2.66 -21.90
CA ASP B 250 -15.37 -3.81 -21.16
C ASP B 250 -15.68 -4.99 -22.06
N ASP B 251 -15.62 -4.81 -23.37
CA ASP B 251 -15.90 -5.80 -24.40
C ASP B 251 -14.79 -6.90 -24.44
N ALA B 252 -13.83 -6.81 -23.52
CA ALA B 252 -12.68 -7.72 -23.45
C ALA B 252 -11.82 -7.64 -24.71
N THR B 253 -11.87 -6.51 -25.41
CA THR B 253 -11.08 -6.29 -26.60
C THR B 253 -10.39 -4.93 -26.52
N CYS B 254 -9.29 -4.81 -27.25
CA CYS B 254 -8.62 -3.53 -27.44
C CYS B 254 -8.58 -3.24 -28.93
N ARG B 255 -8.34 -1.98 -29.28
CA ARG B 255 -8.16 -1.67 -30.71
C ARG B 255 -7.44 -0.36 -30.88
N LEU B 256 -6.77 -0.24 -32.02
CA LEU B 256 -5.97 0.92 -32.36
C LEU B 256 -6.59 1.64 -33.55
N PHE B 257 -6.85 2.93 -33.38
CA PHE B 257 -7.41 3.85 -34.36
C PHE B 257 -6.34 4.80 -34.89
N ASP B 258 -6.60 5.32 -36.07
CA ASP B 258 -5.73 6.24 -36.77
C ASP B 258 -6.37 7.62 -36.85
N LEU B 259 -5.56 8.67 -36.65
CA LEU B 259 -6.09 10.03 -36.75
C LEU B 259 -6.26 10.45 -38.20
N ARG B 260 -5.26 10.20 -39.04
CA ARG B 260 -5.31 10.68 -40.42
C ARG B 260 -6.37 9.94 -41.23
N ALA B 261 -6.40 8.61 -41.15
CA ALA B 261 -7.40 7.84 -41.89
C ALA B 261 -8.79 8.04 -41.31
N ASP B 262 -8.90 8.19 -39.99
CA ASP B 262 -10.15 8.47 -39.30
C ASP B 262 -11.11 7.28 -39.36
N GLN B 263 -10.61 6.12 -38.94
CA GLN B 263 -11.45 4.98 -38.58
C GLN B 263 -10.60 3.97 -37.83
N GLU B 264 -11.21 2.82 -37.54
CA GLU B 264 -10.50 1.72 -36.89
C GLU B 264 -9.36 1.23 -37.76
N LEU B 265 -8.23 0.93 -37.13
CA LEU B 265 -7.07 0.42 -37.87
C LEU B 265 -6.82 -1.06 -37.59
N MET B 266 -6.78 -1.48 -36.33
CA MET B 266 -6.77 -2.93 -36.08
C MET B 266 -7.12 -3.22 -34.63
N THR B 267 -7.89 -4.31 -34.43
CA THR B 267 -8.32 -4.75 -33.11
C THR B 267 -7.51 -5.96 -32.63
N TYR B 268 -7.30 -6.02 -31.31
CA TYR B 268 -6.63 -7.12 -30.64
C TYR B 268 -7.61 -7.76 -29.67
N SER B 269 -7.82 -9.06 -29.81
CA SER B 269 -8.73 -9.81 -28.95
C SER B 269 -8.44 -11.29 -29.08
N HIS B 270 -8.86 -12.05 -28.07
CA HIS B 270 -8.68 -13.49 -28.05
C HIS B 270 -9.91 -14.15 -27.45
N ASP B 271 -10.14 -15.41 -27.82
CA ASP B 271 -11.35 -16.11 -27.39
C ASP B 271 -11.34 -16.41 -25.90
N ASN B 272 -10.15 -16.67 -25.32
CA ASN B 272 -10.08 -17.05 -23.92
C ASN B 272 -10.53 -15.91 -23.02
N ILE B 273 -10.13 -14.68 -23.34
CA ILE B 273 -10.44 -13.54 -22.48
C ILE B 273 -11.92 -13.20 -22.60
N ILE B 274 -12.58 -13.03 -21.45
CA ILE B 274 -13.98 -12.63 -21.40
C ILE B 274 -14.13 -11.42 -20.50
N CYS B 275 -13.06 -11.03 -19.82
CA CYS B 275 -13.08 -9.93 -18.88
C CYS B 275 -12.58 -8.64 -19.54
N GLY B 276 -13.07 -7.51 -19.05
CA GLY B 276 -12.80 -6.23 -19.68
C GLY B 276 -11.40 -5.72 -19.40
N ILE B 277 -11.05 -4.67 -20.13
CA ILE B 277 -9.75 -4.01 -20.03
C ILE B 277 -9.83 -2.92 -18.97
N THR B 278 -8.71 -2.67 -18.29
CA THR B 278 -8.64 -1.61 -17.30
C THR B 278 -7.56 -0.57 -17.59
N SER B 279 -6.52 -0.92 -18.33
CA SER B 279 -5.43 0.01 -18.62
C SER B 279 -4.77 -0.35 -19.93
N VAL B 280 -4.16 0.66 -20.55
CA VAL B 280 -3.45 0.51 -21.82
C VAL B 280 -2.20 1.38 -21.76
N SER B 281 -1.11 0.87 -22.34
CA SER B 281 0.11 1.65 -22.50
C SER B 281 0.93 1.09 -23.64
N PHE B 282 1.83 1.90 -24.17
CA PHE B 282 2.63 1.58 -25.34
C PHE B 282 4.10 1.43 -24.96
N SER B 283 4.93 1.20 -25.97
CA SER B 283 6.38 1.09 -25.79
C SER B 283 7.07 2.12 -26.68
N LYS B 284 8.33 2.40 -26.36
CA LYS B 284 9.06 3.46 -27.05
C LYS B 284 9.10 3.23 -28.55
N SER B 285 9.47 2.02 -28.97
CA SER B 285 9.53 1.72 -30.39
C SER B 285 8.16 1.54 -31.03
N GLY B 286 7.10 1.49 -30.22
CA GLY B 286 5.77 1.24 -30.75
C GLY B 286 5.62 -0.12 -31.37
N ARG B 287 6.27 -1.13 -30.83
CA ARG B 287 6.20 -2.49 -31.34
C ARG B 287 5.30 -3.40 -30.50
N LEU B 288 5.31 -3.23 -29.18
CA LEU B 288 4.49 -4.06 -28.32
C LEU B 288 3.56 -3.19 -27.49
N LEU B 289 2.34 -3.68 -27.30
CA LEU B 289 1.27 -2.98 -26.61
C LEU B 289 0.94 -3.72 -25.33
N LEU B 290 1.02 -3.02 -24.20
CA LEU B 290 0.59 -3.58 -22.93
C LEU B 290 -0.93 -3.50 -22.81
N ALA B 291 -1.50 -4.36 -21.97
CA ALA B 291 -2.94 -4.29 -21.71
C ALA B 291 -3.24 -4.98 -20.40
N GLY B 292 -3.88 -4.26 -19.48
CA GLY B 292 -4.26 -4.82 -18.18
C GLY B 292 -5.69 -5.29 -18.18
N TYR B 293 -5.91 -6.47 -17.61
CA TYR B 293 -7.20 -7.16 -17.67
C TYR B 293 -7.76 -7.36 -16.26
N ASP B 294 -8.97 -7.92 -16.21
CA ASP B 294 -9.60 -8.30 -14.96
C ASP B 294 -9.31 -9.75 -14.58
N ASP B 295 -8.60 -10.49 -15.41
CA ASP B 295 -8.15 -11.86 -15.16
C ASP B 295 -7.05 -11.92 -14.12
N PHE B 296 -6.71 -10.78 -13.52
CA PHE B 296 -5.66 -10.58 -12.52
C PHE B 296 -4.29 -10.54 -13.15
N ASN B 297 -4.17 -10.70 -14.47
CA ASN B 297 -2.88 -10.66 -15.15
C ASN B 297 -2.99 -9.79 -16.40
N CYS B 298 -1.86 -9.23 -16.80
CA CYS B 298 -1.82 -8.36 -17.97
C CYS B 298 -1.07 -9.04 -19.11
N ASN B 299 -1.38 -8.61 -20.32
CA ASN B 299 -0.86 -9.21 -21.54
C ASN B 299 -0.03 -8.21 -22.32
N VAL B 300 0.87 -8.74 -23.14
CA VAL B 300 1.73 -7.97 -24.02
C VAL B 300 1.51 -8.49 -25.43
N TRP B 301 0.99 -7.64 -26.30
CA TRP B 301 0.65 -7.99 -27.67
C TRP B 301 1.66 -7.40 -28.64
N ASP B 302 1.84 -8.08 -29.77
CA ASP B 302 2.61 -7.53 -30.88
C ASP B 302 1.74 -6.52 -31.61
N ALA B 303 2.08 -5.23 -31.49
CA ALA B 303 1.21 -4.17 -31.97
C ALA B 303 0.99 -4.20 -33.47
N LEU B 304 1.86 -4.88 -34.22
CA LEU B 304 1.73 -4.93 -35.68
C LEU B 304 1.09 -6.21 -36.17
N LYS B 305 1.47 -7.37 -35.62
CA LYS B 305 0.94 -8.65 -36.09
C LYS B 305 -0.28 -9.13 -35.31
N ALA B 306 -0.65 -8.44 -34.23
CA ALA B 306 -1.77 -8.83 -33.37
C ALA B 306 -1.58 -10.27 -32.86
N ASP B 307 -0.50 -10.46 -32.12
CA ASP B 307 -0.15 -11.76 -31.57
C ASP B 307 0.16 -11.62 -30.10
N ARG B 308 -0.29 -12.58 -29.30
CA ARG B 308 0.03 -12.60 -27.88
C ARG B 308 1.52 -12.86 -27.71
N ALA B 309 2.26 -11.85 -27.30
CA ALA B 309 3.70 -11.99 -27.15
C ALA B 309 4.09 -12.44 -25.74
N GLY B 310 3.41 -11.95 -24.71
CA GLY B 310 3.79 -12.33 -23.37
C GLY B 310 2.68 -12.13 -22.37
N VAL B 311 2.87 -12.70 -21.19
CA VAL B 311 1.90 -12.60 -20.10
C VAL B 311 2.66 -12.26 -18.82
N LEU B 312 2.30 -11.15 -18.19
CA LEU B 312 2.92 -10.75 -16.92
C LEU B 312 2.02 -11.15 -15.76
N ALA B 313 1.94 -12.45 -15.54
CA ALA B 313 1.06 -13.01 -14.51
C ALA B 313 1.78 -12.97 -13.17
N GLY B 314 1.50 -11.94 -12.37
CA GLY B 314 2.12 -11.81 -11.07
C GLY B 314 1.25 -11.21 -9.99
N HIS B 315 -0.03 -11.01 -10.27
CA HIS B 315 -0.93 -10.33 -9.35
C HIS B 315 -2.04 -11.25 -8.89
N ASP B 316 -2.65 -10.91 -7.76
CA ASP B 316 -3.71 -11.71 -7.16
C ASP B 316 -5.10 -11.14 -7.42
N ASN B 317 -5.22 -9.86 -7.73
CA ASN B 317 -6.49 -9.23 -8.06
C ASN B 317 -6.35 -8.51 -9.39
N ARG B 318 -7.42 -7.86 -9.84
CA ARG B 318 -7.40 -7.23 -11.16
C ARG B 318 -6.40 -6.08 -11.18
N VAL B 319 -5.68 -5.95 -12.30
CA VAL B 319 -4.71 -4.88 -12.47
C VAL B 319 -5.46 -3.62 -12.89
N SER B 320 -5.29 -2.55 -12.11
CA SER B 320 -6.04 -1.32 -12.31
C SER B 320 -5.26 -0.25 -13.06
N CYS B 321 -3.94 -0.18 -12.90
CA CYS B 321 -3.14 0.85 -13.54
C CYS B 321 -1.90 0.23 -14.16
N LEU B 322 -1.37 0.89 -15.19
CA LEU B 322 -0.26 0.34 -15.95
C LEU B 322 0.47 1.48 -16.64
N GLY B 323 1.80 1.48 -16.57
CA GLY B 323 2.58 2.55 -17.16
C GLY B 323 3.92 2.07 -17.65
N VAL B 324 4.48 2.84 -18.60
CA VAL B 324 5.78 2.55 -19.20
C VAL B 324 6.62 3.83 -19.15
N THR B 325 7.89 3.69 -18.76
CA THR B 325 8.78 4.84 -18.60
C THR B 325 9.01 5.53 -19.95
N ASP B 326 9.56 6.74 -19.87
CA ASP B 326 9.85 7.51 -21.08
C ASP B 326 11.04 6.97 -21.85
N ASP B 327 12.02 6.38 -21.16
CA ASP B 327 13.19 5.82 -21.81
C ASP B 327 13.06 4.32 -22.08
N GLY B 328 11.95 3.70 -21.69
CA GLY B 328 11.70 2.31 -22.00
C GLY B 328 12.39 1.29 -21.13
N MET B 329 12.91 1.71 -19.96
CA MET B 329 13.61 0.76 -19.09
C MET B 329 12.68 -0.37 -18.65
N ALA B 330 11.51 -0.02 -18.10
CA ALA B 330 10.68 -1.00 -17.42
C ALA B 330 9.22 -0.68 -17.65
N VAL B 331 8.35 -1.53 -17.11
CA VAL B 331 6.90 -1.31 -17.13
C VAL B 331 6.36 -1.62 -15.74
N ALA B 332 5.53 -0.73 -15.21
CA ALA B 332 4.96 -0.88 -13.88
C ALA B 332 3.48 -1.23 -13.99
N THR B 333 3.03 -2.16 -13.15
CA THR B 333 1.63 -2.55 -13.09
C THR B 333 1.15 -2.51 -11.66
N GLY B 334 -0.01 -1.91 -11.44
CA GLY B 334 -0.61 -1.87 -10.12
C GLY B 334 -2.01 -2.41 -10.14
N SER B 335 -2.37 -3.13 -9.07
CA SER B 335 -3.60 -3.90 -9.01
C SER B 335 -4.31 -3.68 -7.69
N TRP B 336 -5.52 -4.22 -7.59
CA TRP B 336 -6.28 -4.19 -6.34
C TRP B 336 -5.67 -5.07 -5.27
N ASP B 337 -4.67 -5.89 -5.62
CA ASP B 337 -3.96 -6.73 -4.68
C ASP B 337 -3.21 -5.90 -3.65
N SER B 338 -3.03 -4.59 -3.92
CA SER B 338 -2.32 -3.59 -3.10
C SER B 338 -0.82 -3.64 -3.29
N PHE B 339 -0.31 -4.38 -4.27
CA PHE B 339 1.11 -4.40 -4.60
C PHE B 339 1.27 -4.05 -6.07
N LEU B 340 2.17 -3.12 -6.36
CA LEU B 340 2.52 -2.78 -7.73
C LEU B 340 3.95 -3.21 -8.01
N LYS B 341 4.16 -3.73 -9.22
CA LYS B 341 5.39 -4.43 -9.57
C LYS B 341 5.99 -3.86 -10.84
N ILE B 342 7.32 -3.93 -10.90
CA ILE B 342 8.10 -3.41 -12.02
C ILE B 342 8.70 -4.59 -12.78
N TRP B 343 8.54 -4.58 -14.09
CA TRP B 343 8.99 -5.66 -14.95
C TRP B 343 9.97 -5.11 -15.98
N ASN B 344 11.03 -5.87 -16.24
CA ASN B 344 12.06 -5.43 -17.16
C ASN B 344 12.48 -6.57 -18.09
N ILE C 9 -35.04 20.29 -29.17
CA ILE C 9 -34.91 21.13 -30.36
C ILE C 9 -33.79 22.14 -30.15
N ALA C 10 -33.44 22.39 -28.89
CA ALA C 10 -32.38 23.33 -28.59
C ALA C 10 -31.01 22.79 -29.00
N GLN C 11 -30.75 21.52 -28.71
CA GLN C 11 -29.46 20.91 -29.01
C GLN C 11 -29.40 20.30 -30.41
N ALA C 12 -30.54 20.21 -31.11
CA ALA C 12 -30.53 19.63 -32.45
C ALA C 12 -29.71 20.48 -33.42
N ARG C 13 -29.89 21.80 -33.36
CA ARG C 13 -29.11 22.68 -34.23
C ARG C 13 -27.62 22.59 -33.91
N LYS C 14 -27.27 22.52 -32.62
CA LYS C 14 -25.87 22.38 -32.23
C LYS C 14 -25.28 21.08 -32.73
N LEU C 15 -26.04 19.98 -32.64
CA LEU C 15 -25.56 18.70 -33.15
C LEU C 15 -25.35 18.75 -34.65
N VAL C 16 -26.29 19.36 -35.39
CA VAL C 16 -26.15 19.47 -36.84
C VAL C 16 -24.91 20.29 -37.19
N GLU C 17 -24.72 21.42 -36.50
CA GLU C 17 -23.56 22.26 -36.77
C GLU C 17 -22.26 21.53 -36.47
N GLN C 18 -22.20 20.81 -35.35
CA GLN C 18 -20.99 20.08 -35.00
C GLN C 18 -20.67 19.00 -36.02
N LEU C 19 -21.69 18.26 -36.46
CA LEU C 19 -21.44 17.20 -37.42
C LEU C 19 -21.05 17.78 -38.77
N LYS C 20 -21.64 18.92 -39.16
CA LYS C 20 -21.24 19.57 -40.40
C LYS C 20 -19.80 20.05 -40.33
N MET C 21 -19.38 20.56 -39.17
CA MET C 21 -17.99 20.94 -38.99
C MET C 21 -17.07 19.72 -39.09
N GLU C 22 -17.51 18.58 -38.55
CA GLU C 22 -16.74 17.35 -38.64
C GLU C 22 -16.75 16.76 -40.05
N ALA C 23 -17.67 17.20 -40.90
CA ALA C 23 -17.84 16.57 -42.21
C ALA C 23 -16.64 16.80 -43.11
N ASN C 24 -16.17 18.04 -43.21
CA ASN C 24 -15.12 18.40 -44.18
C ASN C 24 -13.75 18.19 -43.52
N ILE C 25 -13.24 16.97 -43.67
CA ILE C 25 -11.92 16.59 -43.19
C ILE C 25 -11.22 15.77 -44.26
N ASP C 26 -9.99 16.14 -44.57
CA ASP C 26 -9.22 15.37 -45.55
C ASP C 26 -8.70 14.07 -44.92
N ARG C 27 -8.74 12.99 -45.70
CA ARG C 27 -8.35 11.68 -45.22
C ARG C 27 -7.27 11.09 -46.13
N ILE C 28 -6.40 10.27 -45.53
CA ILE C 28 -5.29 9.65 -46.22
C ILE C 28 -5.55 8.15 -46.35
N LYS C 29 -4.83 7.53 -47.27
CA LYS C 29 -4.98 6.10 -47.49
C LYS C 29 -4.53 5.32 -46.26
N VAL C 30 -5.22 4.21 -45.99
CA VAL C 30 -4.87 3.38 -44.84
C VAL C 30 -3.53 2.70 -45.06
N SER C 31 -3.22 2.32 -46.31
CA SER C 31 -1.95 1.67 -46.59
C SER C 31 -0.78 2.58 -46.25
N LYS C 32 -0.88 3.87 -46.60
CA LYS C 32 0.18 4.82 -46.26
C LYS C 32 0.33 4.94 -44.76
N ALA C 33 -0.78 4.95 -44.02
CA ALA C 33 -0.72 5.01 -42.57
C ALA C 33 -0.03 3.78 -41.99
N ALA C 34 -0.38 2.59 -42.50
CA ALA C 34 0.27 1.38 -42.02
C ALA C 34 1.76 1.41 -42.32
N ALA C 35 2.13 1.88 -43.50
CA ALA C 35 3.55 2.00 -43.84
C ALA C 35 4.26 2.97 -42.90
N ASP C 36 3.62 4.09 -42.57
CA ASP C 36 4.23 5.07 -41.68
C ASP C 36 4.42 4.50 -40.27
N LEU C 37 3.40 3.82 -39.75
CA LEU C 37 3.54 3.18 -38.44
C LEU C 37 4.65 2.13 -38.44
N MET C 38 4.70 1.30 -39.48
CA MET C 38 5.74 0.27 -39.55
C MET C 38 7.12 0.90 -39.67
N ALA C 39 7.26 1.96 -40.45
CA ALA C 39 8.55 2.63 -40.59
C ALA C 39 9.01 3.25 -39.28
N TYR C 40 8.09 3.90 -38.56
CA TYR C 40 8.45 4.45 -37.26
C TYR C 40 8.84 3.35 -36.29
N CYS C 41 8.13 2.22 -36.34
CA CYS C 41 8.47 1.10 -35.46
C CYS C 41 9.84 0.54 -35.79
N GLU C 42 10.18 0.44 -37.07
CA GLU C 42 11.45 -0.17 -37.47
C GLU C 42 12.62 0.76 -37.20
N ALA C 43 12.43 2.08 -37.39
CA ALA C 43 13.55 3.00 -37.26
C ALA C 43 13.96 3.24 -35.82
N HIS C 44 13.18 2.79 -34.83
CA HIS C 44 13.50 3.01 -33.43
C HIS C 44 13.63 1.71 -32.66
N ALA C 45 13.87 0.59 -33.35
CA ALA C 45 13.95 -0.70 -32.68
C ALA C 45 15.18 -0.82 -31.80
N LYS C 46 16.27 -0.12 -32.15
CA LYS C 46 17.51 -0.28 -31.40
C LYS C 46 17.37 0.24 -29.98
N GLU C 47 16.76 1.40 -29.79
CA GLU C 47 16.59 1.98 -28.46
C GLU C 47 15.25 1.59 -27.83
N ASP C 48 14.97 0.29 -27.84
CA ASP C 48 13.78 -0.29 -27.22
C ASP C 48 14.24 -1.35 -26.24
N PRO C 49 14.50 -0.97 -24.99
CA PRO C 49 15.03 -1.95 -24.01
C PRO C 49 14.12 -3.14 -23.78
N LEU C 50 12.80 -2.97 -23.85
CA LEU C 50 11.90 -4.09 -23.61
C LEU C 50 11.84 -5.02 -24.80
N LEU C 51 11.89 -4.47 -26.01
CA LEU C 51 11.86 -5.31 -27.21
C LEU C 51 13.13 -6.15 -27.31
N THR C 52 14.29 -5.52 -27.20
CA THR C 52 15.57 -6.20 -27.28
C THR C 52 16.26 -6.13 -25.92
N PRO C 53 16.36 -7.24 -25.19
CA PRO C 53 17.05 -7.20 -23.89
C PRO C 53 18.49 -6.77 -24.04
N VAL C 54 18.96 -5.98 -23.08
CA VAL C 54 20.32 -5.45 -23.09
C VAL C 54 21.10 -6.12 -21.96
N PRO C 55 22.44 -6.13 -22.01
CA PRO C 55 23.20 -6.81 -20.97
C PRO C 55 22.96 -6.20 -19.59
N ALA C 56 23.09 -7.04 -18.57
CA ALA C 56 22.80 -6.63 -17.20
C ALA C 56 23.72 -5.52 -16.70
N SER C 57 24.83 -5.29 -17.38
CA SER C 57 25.70 -4.17 -17.00
C SER C 57 25.05 -2.83 -17.32
N GLU C 58 24.04 -2.80 -18.19
CA GLU C 58 23.34 -1.57 -18.53
C GLU C 58 21.98 -1.45 -17.86
N ASN C 59 21.42 -2.55 -17.35
CA ASN C 59 20.14 -2.49 -16.66
C ASN C 59 20.28 -1.76 -15.34
N PRO C 60 19.53 -0.68 -15.10
CA PRO C 60 19.52 -0.07 -13.77
C PRO C 60 18.72 -0.85 -12.75
N PHE C 61 17.95 -1.84 -13.18
CA PHE C 61 17.15 -2.65 -12.28
C PHE C 61 17.79 -4.00 -12.03
N VAL D 2 10.98 31.17 6.79
CA VAL D 2 11.99 30.21 7.23
C VAL D 2 13.10 30.92 7.98
N GLN D 3 13.37 30.47 9.21
CA GLN D 3 14.45 31.06 9.98
C GLN D 3 14.86 30.10 11.10
N LEU D 4 16.16 30.17 11.43
CA LEU D 4 16.75 29.43 12.54
C LEU D 4 17.50 30.43 13.41
N VAL D 5 17.23 30.43 14.70
CA VAL D 5 17.85 31.38 15.62
C VAL D 5 18.59 30.59 16.69
N GLU D 6 19.89 30.86 16.83
CA GLU D 6 20.71 30.19 17.81
C GLU D 6 20.86 31.03 19.07
N SER D 7 21.13 30.35 20.18
CA SER D 7 21.32 31.02 21.46
C SER D 7 22.14 30.14 22.38
N GLY D 8 22.73 30.76 23.40
CA GLY D 8 23.48 30.06 24.42
C GLY D 8 24.97 30.33 24.42
N GLY D 9 25.49 31.07 23.45
CA GLY D 9 26.92 31.30 23.37
C GLY D 9 27.39 32.39 24.30
N GLY D 10 28.71 32.49 24.42
CA GLY D 10 29.32 33.52 25.23
C GLY D 10 30.68 33.08 25.75
N LEU D 11 31.00 33.58 26.94
CA LEU D 11 32.27 33.29 27.60
C LEU D 11 32.12 32.05 28.47
N VAL D 12 33.01 31.08 28.26
CA VAL D 12 33.01 29.84 29.04
C VAL D 12 34.41 29.66 29.65
N GLN D 13 34.45 29.35 30.94
CA GLN D 13 35.71 29.02 31.58
C GLN D 13 36.22 27.67 31.06
N PRO D 14 37.53 27.46 31.07
CA PRO D 14 38.06 26.17 30.57
C PRO D 14 37.53 24.99 31.37
N GLY D 15 37.21 23.91 30.65
CA GLY D 15 36.70 22.71 31.28
C GLY D 15 35.26 22.79 31.73
N GLY D 16 34.53 23.84 31.35
CA GLY D 16 33.15 24.02 31.78
C GLY D 16 32.18 23.27 30.91
N SER D 17 30.91 23.68 30.99
CA SER D 17 29.84 23.08 30.23
C SER D 17 28.98 24.17 29.61
N ARG D 18 28.32 23.83 28.50
CA ARG D 18 27.47 24.77 27.79
C ARG D 18 26.30 24.04 27.17
N LYS D 19 25.25 24.79 26.84
CA LYS D 19 24.01 24.21 26.38
C LYS D 19 23.44 25.13 25.31
N LEU D 20 23.61 24.78 24.04
CA LEU D 20 23.27 25.65 22.92
C LEU D 20 21.94 25.25 22.32
N SER D 21 21.11 26.25 22.03
CA SER D 21 19.76 26.05 21.53
C SER D 21 19.64 26.61 20.11
N CYS D 22 18.81 25.96 19.31
CA CYS D 22 18.55 26.38 17.93
C CYS D 22 17.05 26.26 17.68
N SER D 23 16.37 27.40 17.62
CA SER D 23 14.92 27.44 17.44
C SER D 23 14.58 27.65 15.98
N ALA D 24 13.69 26.81 15.46
CA ALA D 24 13.30 26.84 14.06
C ALA D 24 11.89 27.38 13.92
N SER D 25 11.63 28.10 12.82
CA SER D 25 10.28 28.54 12.53
C SER D 25 10.13 28.74 11.03
N GLY D 26 8.96 28.40 10.51
CA GLY D 26 8.66 28.57 9.10
C GLY D 26 8.72 27.30 8.28
N PHE D 27 9.26 26.21 8.82
CA PHE D 27 9.32 24.94 8.11
C PHE D 27 9.01 23.80 9.06
N ALA D 28 8.89 22.60 8.49
CA ALA D 28 8.56 21.40 9.26
C ALA D 28 9.84 20.84 9.85
N PHE D 29 10.13 21.21 11.10
CA PHE D 29 11.37 20.83 11.75
C PHE D 29 11.52 19.33 11.92
N SER D 30 10.42 18.58 11.92
CA SER D 30 10.47 17.15 12.18
C SER D 30 10.92 16.33 10.97
N SER D 31 10.96 16.92 9.78
CA SER D 31 11.39 16.21 8.58
C SER D 31 12.81 16.56 8.16
N PHE D 32 13.54 17.32 8.98
CA PHE D 32 14.87 17.79 8.64
C PHE D 32 15.89 17.23 9.62
N GLY D 33 16.93 16.59 9.09
CA GLY D 33 18.11 16.33 9.89
C GLY D 33 18.85 17.62 10.18
N MET D 34 19.59 17.62 11.30
CA MET D 34 20.22 18.84 11.78
C MET D 34 21.70 18.61 12.02
N HIS D 35 22.53 19.52 11.50
CA HIS D 35 23.97 19.52 11.71
C HIS D 35 24.38 20.72 12.55
N TRP D 36 25.36 20.52 13.40
CA TRP D 36 26.12 21.61 14.03
C TRP D 36 27.48 21.67 13.36
N VAL D 37 27.84 22.85 12.87
CA VAL D 37 29.13 23.06 12.20
C VAL D 37 29.76 24.34 12.70
N ARG D 38 31.05 24.30 13.00
CA ARG D 38 31.74 25.42 13.63
C ARG D 38 32.85 25.96 12.73
N GLN D 39 33.21 27.22 12.98
CA GLN D 39 34.27 27.90 12.26
C GLN D 39 35.13 28.66 13.25
N ALA D 40 36.44 28.47 13.17
CA ALA D 40 37.35 29.14 14.08
C ALA D 40 37.42 30.63 13.75
N PRO D 41 37.81 31.46 14.72
CA PRO D 41 37.90 32.91 14.46
C PRO D 41 38.89 33.29 13.37
N GLU D 42 39.85 32.42 13.05
CA GLU D 42 40.83 32.71 12.01
C GLU D 42 41.02 31.55 11.04
N LYS D 43 40.14 30.55 11.05
CA LYS D 43 40.29 29.40 10.18
C LYS D 43 39.01 29.13 9.41
N GLY D 44 38.97 27.99 8.71
CA GLY D 44 37.80 27.61 7.93
C GLY D 44 36.77 26.86 8.76
N LEU D 45 35.73 26.40 8.07
CA LEU D 45 34.66 25.68 8.74
C LEU D 45 35.14 24.28 9.16
N GLU D 46 34.35 23.65 10.03
CA GLU D 46 34.70 22.32 10.53
C GLU D 46 33.43 21.64 11.01
N TRP D 47 33.04 20.55 10.34
CA TRP D 47 31.85 19.81 10.72
C TRP D 47 31.97 19.29 12.15
N VAL D 48 30.87 19.37 12.90
CA VAL D 48 30.92 19.03 14.32
C VAL D 48 30.04 17.83 14.63
N ALA D 49 28.74 17.94 14.36
CA ALA D 49 27.85 16.85 14.77
C ALA D 49 26.63 16.79 13.87
N TYR D 50 25.96 15.64 13.87
CA TYR D 50 24.79 15.42 13.03
C TYR D 50 23.77 14.55 13.75
N ILE D 51 22.50 14.93 13.64
CA ILE D 51 21.39 14.15 14.16
C ILE D 51 20.36 13.98 13.05
N SER D 52 19.82 12.76 12.92
CA SER D 52 18.95 12.42 11.81
C SER D 52 17.51 12.80 12.12
N SER D 53 16.62 12.52 11.17
CA SER D 53 15.20 12.79 11.34
C SER D 53 14.56 11.64 12.11
N GLY D 54 14.10 11.94 13.33
CA GLY D 54 13.57 10.93 14.20
C GLY D 54 14.51 10.42 15.27
N SER D 55 15.66 11.07 15.47
CA SER D 55 16.64 10.71 16.48
C SER D 55 17.21 9.31 16.28
N GLY D 56 17.06 8.75 15.07
CA GLY D 56 17.55 7.41 14.83
C GLY D 56 19.06 7.31 14.84
N THR D 57 19.75 8.29 14.25
CA THR D 57 21.19 8.25 14.05
C THR D 57 21.83 9.50 14.62
N ILE D 58 22.97 9.33 15.28
CA ILE D 58 23.78 10.43 15.79
C ILE D 58 25.22 10.19 15.35
N TYR D 59 25.85 11.23 14.81
CA TYR D 59 27.23 11.14 14.34
C TYR D 59 28.03 12.29 14.93
N TYR D 60 29.25 12.00 15.35
CA TYR D 60 30.18 12.97 15.90
C TYR D 60 31.48 12.96 15.09
N ALA D 61 32.40 13.83 15.50
CA ALA D 61 33.78 13.82 15.01
C ALA D 61 34.69 13.36 16.13
N ASP D 62 35.94 13.05 15.77
CA ASP D 62 36.88 12.53 16.75
C ASP D 62 37.16 13.55 17.85
N THR D 63 37.28 14.83 17.48
CA THR D 63 37.61 15.85 18.46
C THR D 63 36.48 16.05 19.47
N VAL D 64 35.25 15.73 19.10
CA VAL D 64 34.10 16.01 19.95
C VAL D 64 33.50 14.77 20.59
N LYS D 65 33.81 13.57 20.09
CA LYS D 65 33.18 12.36 20.59
C LYS D 65 33.47 12.16 22.06
N GLY D 66 32.43 11.85 22.83
CA GLY D 66 32.54 11.66 24.25
C GLY D 66 32.40 12.91 25.08
N ARG D 67 32.32 14.08 24.44
CA ARG D 67 32.15 15.35 25.14
C ARG D 67 30.93 16.13 24.68
N PHE D 68 30.56 16.03 23.40
CA PHE D 68 29.45 16.78 22.84
C PHE D 68 28.31 15.81 22.51
N THR D 69 27.12 16.13 22.98
CA THR D 69 25.94 15.32 22.69
C THR D 69 24.86 16.21 22.09
N ILE D 70 24.04 15.61 21.22
CA ILE D 70 23.04 16.34 20.47
C ILE D 70 21.67 15.76 20.77
N SER D 71 20.64 16.62 20.68
CA SER D 71 19.27 16.19 20.94
C SER D 71 18.33 17.16 20.25
N ARG D 72 17.04 16.82 20.26
CA ARG D 72 16.03 17.65 19.64
C ARG D 72 14.71 17.52 20.38
N ASP D 73 13.84 18.50 20.18
CA ASP D 73 12.48 18.51 20.73
C ASP D 73 11.54 18.90 19.59
N ASP D 74 10.92 17.90 18.98
CA ASP D 74 10.01 18.16 17.87
C ASP D 74 8.76 18.94 18.28
N PRO D 75 8.03 18.56 19.35
CA PRO D 75 6.83 19.36 19.69
C PRO D 75 7.14 20.81 20.00
N LYS D 76 8.28 21.08 20.62
CA LYS D 76 8.71 22.45 20.89
C LYS D 76 9.54 23.03 19.75
N ASN D 77 9.92 22.20 18.78
CA ASN D 77 10.63 22.63 17.56
C ASN D 77 11.96 23.31 17.89
N THR D 78 12.83 22.56 18.56
CA THR D 78 14.15 23.08 18.90
C THR D 78 15.20 21.99 18.74
N LEU D 79 16.45 22.43 18.56
CA LEU D 79 17.61 21.56 18.53
C LEU D 79 18.56 21.97 19.64
N PHE D 80 19.21 20.99 20.27
CA PHE D 80 20.00 21.25 21.47
C PHE D 80 21.35 20.56 21.34
N LEU D 81 22.41 21.25 21.77
CA LEU D 81 23.74 20.68 21.83
C LEU D 81 24.31 20.90 23.22
N GLN D 82 24.63 19.82 23.92
CA GLN D 82 25.21 19.87 25.26
C GLN D 82 26.70 19.60 25.14
N MET D 83 27.52 20.51 25.66
CA MET D 83 28.96 20.46 25.52
C MET D 83 29.57 20.37 26.91
N THR D 84 30.48 19.43 27.12
CA THR D 84 31.12 19.21 28.41
C THR D 84 32.63 19.19 28.25
N SER D 85 33.32 19.66 29.29
CA SER D 85 34.79 19.67 29.34
C SER D 85 35.37 20.45 28.16
N LEU D 86 35.09 21.76 28.16
CA LEU D 86 35.51 22.62 27.07
C LEU D 86 37.00 22.95 27.16
N ARG D 87 37.70 22.83 26.04
CA ARG D 87 39.10 23.18 25.92
C ARG D 87 39.24 24.45 25.10
N SER D 88 40.48 24.96 25.05
CA SER D 88 40.74 26.18 24.30
C SER D 88 40.52 26.02 22.81
N GLU D 89 40.57 24.78 22.30
CA GLU D 89 40.38 24.55 20.88
C GLU D 89 38.94 24.72 20.43
N ASP D 90 38.01 24.88 21.37
CA ASP D 90 36.60 25.00 21.03
C ASP D 90 36.15 26.44 20.79
N THR D 91 37.05 27.41 20.95
CA THR D 91 36.75 28.81 20.66
C THR D 91 36.34 28.95 19.19
N ALA D 92 35.08 29.23 18.92
CA ALA D 92 34.63 29.19 17.53
C ALA D 92 33.29 29.90 17.41
N MET D 93 32.70 29.79 16.22
CA MET D 93 31.39 30.33 15.88
C MET D 93 30.58 29.16 15.35
N TYR D 94 29.43 28.90 15.96
CA TYR D 94 28.68 27.68 15.72
C TYR D 94 27.41 27.97 14.92
N TYR D 95 27.15 27.13 13.92
CA TYR D 95 26.04 27.31 13.00
C TYR D 95 25.16 26.06 13.02
N CYS D 96 23.86 26.30 13.02
CA CYS D 96 22.83 25.27 13.05
C CYS D 96 22.26 25.14 11.64
N VAL D 97 22.54 24.01 10.99
CA VAL D 97 22.23 23.82 9.58
C VAL D 97 21.16 22.75 9.44
N ARG D 98 20.13 23.05 8.66
CA ARG D 98 19.14 22.04 8.31
C ARG D 98 19.59 21.29 7.07
N SER D 99 19.10 20.07 6.93
CA SER D 99 19.50 19.22 5.81
C SER D 99 18.49 18.10 5.65
N ILE D 100 18.02 17.88 4.43
CA ILE D 100 16.99 16.88 4.16
C ILE D 100 17.49 15.96 3.05
N TYR D 101 17.32 14.65 3.25
CA TYR D 101 17.87 13.64 2.34
C TYR D 101 16.75 12.81 1.73
N TYR D 102 16.51 13.02 0.44
CA TYR D 102 15.75 12.10 -0.38
C TYR D 102 16.25 12.28 -1.81
N TYR D 103 15.64 11.55 -2.74
CA TYR D 103 16.11 11.60 -4.12
C TYR D 103 15.85 12.99 -4.72
N GLY D 104 16.91 13.74 -4.95
CA GLY D 104 16.82 15.06 -5.54
C GLY D 104 16.84 16.21 -4.55
N SER D 105 16.93 15.93 -3.26
CA SER D 105 16.96 17.00 -2.28
C SER D 105 18.29 17.75 -2.34
N SER D 106 18.30 18.93 -1.73
CA SER D 106 19.49 19.80 -1.69
C SER D 106 19.84 20.04 -0.23
N PRO D 107 20.67 19.19 0.37
CA PRO D 107 21.04 19.37 1.77
C PRO D 107 21.95 20.57 1.97
N PHE D 108 22.06 20.97 3.23
CA PHE D 108 22.95 22.07 3.64
C PHE D 108 22.58 23.38 2.94
N ASP D 109 21.28 23.63 2.78
CA ASP D 109 20.85 24.81 2.04
C ASP D 109 20.70 26.05 2.91
N PHE D 110 20.07 25.92 4.08
CA PHE D 110 19.82 27.06 4.95
C PHE D 110 20.64 26.96 6.21
N TRP D 111 21.34 28.05 6.53
CA TRP D 111 22.17 28.16 7.73
C TRP D 111 21.62 29.26 8.63
N GLY D 112 21.75 29.06 9.93
CA GLY D 112 21.36 30.07 10.88
C GLY D 112 22.45 31.12 11.05
N GLN D 113 22.22 32.02 12.01
CA GLN D 113 23.19 33.05 12.31
C GLN D 113 24.27 32.58 13.28
N GLY D 114 24.11 31.42 13.90
CA GLY D 114 25.11 30.87 14.80
C GLY D 114 25.30 31.67 16.07
N THR D 115 26.12 31.14 16.98
CA THR D 115 26.46 31.85 18.20
C THR D 115 27.96 31.70 18.46
N THR D 116 28.54 32.68 19.13
CA THR D 116 29.95 32.66 19.43
C THR D 116 30.22 31.92 20.73
N LEU D 117 31.37 31.25 20.79
CA LEU D 117 31.83 30.58 22.00
C LEU D 117 33.29 30.91 22.20
N THR D 118 33.60 31.65 23.27
CA THR D 118 34.97 32.03 23.58
C THR D 118 35.35 31.43 24.93
N VAL D 119 36.46 30.70 24.95
CA VAL D 119 36.97 30.02 26.13
C VAL D 119 38.28 30.66 26.52
N SER D 120 38.38 31.09 27.78
CA SER D 120 39.59 31.74 28.25
C SER D 120 40.72 30.71 28.39
N SER D 121 41.87 31.20 28.85
CA SER D 121 43.04 30.33 29.03
C SER D 121 43.97 30.91 30.09
N SER D 136 42.63 8.42 8.47
CA SER D 136 41.76 7.75 7.49
C SER D 136 40.77 8.75 6.88
N ASP D 137 40.69 9.93 7.47
CA ASP D 137 39.77 10.96 6.99
C ASP D 137 40.22 11.49 5.65
N ILE D 138 39.25 11.78 4.77
CA ILE D 138 39.55 12.35 3.47
C ILE D 138 40.08 13.76 3.66
N VAL D 139 41.17 14.08 2.95
CA VAL D 139 41.85 15.36 3.09
C VAL D 139 41.43 16.27 1.94
N MET D 140 40.93 17.45 2.28
CA MET D 140 40.51 18.45 1.31
C MET D 140 41.46 19.63 1.36
N THR D 141 41.96 20.03 0.18
CA THR D 141 42.96 21.09 0.09
C THR D 141 42.56 22.13 -0.94
N GLN D 142 42.91 23.38 -0.66
CA GLN D 142 42.72 24.48 -1.59
C GLN D 142 44.08 24.96 -2.06
N ALA D 143 44.23 25.11 -3.39
CA ALA D 143 45.53 25.48 -3.95
C ALA D 143 45.93 26.89 -3.53
N THR D 144 44.99 27.83 -3.54
CA THR D 144 45.27 29.23 -3.32
C THR D 144 44.54 29.72 -2.07
N SER D 145 45.10 30.75 -1.44
CA SER D 145 44.48 31.36 -0.26
C SER D 145 43.88 32.72 -0.51
N SER D 146 44.27 33.40 -1.59
CA SER D 146 43.70 34.71 -1.92
C SER D 146 43.92 34.99 -3.40
N VAL D 147 42.89 35.51 -4.05
CA VAL D 147 42.95 35.81 -5.48
C VAL D 147 42.43 37.22 -5.74
N PRO D 148 43.28 38.17 -6.12
CA PRO D 148 42.79 39.50 -6.48
C PRO D 148 42.37 39.60 -7.95
N VAL D 149 41.12 39.96 -8.20
CA VAL D 149 40.59 40.04 -9.55
C VAL D 149 39.68 41.26 -9.65
N THR D 150 39.86 42.06 -10.69
CA THR D 150 39.01 43.21 -10.92
C THR D 150 37.60 42.77 -11.32
N PRO D 151 36.58 43.54 -10.98
CA PRO D 151 35.21 43.13 -11.29
C PRO D 151 34.95 43.13 -12.79
N GLY D 152 34.04 42.24 -13.20
CA GLY D 152 33.66 42.10 -14.59
C GLY D 152 34.35 40.96 -15.32
N GLU D 153 35.35 40.33 -14.73
CA GLU D 153 36.07 39.24 -15.36
C GLU D 153 35.53 37.90 -14.87
N SER D 154 36.17 36.82 -15.29
CA SER D 154 35.79 35.46 -14.89
C SER D 154 36.89 34.85 -14.04
N VAL D 155 36.49 34.10 -13.02
CA VAL D 155 37.44 33.50 -12.08
C VAL D 155 37.17 32.00 -11.99
N SER D 156 38.21 31.25 -11.68
CA SER D 156 38.12 29.81 -11.45
C SER D 156 38.95 29.45 -10.22
N ILE D 157 38.41 28.58 -9.37
CA ILE D 157 39.03 28.23 -8.10
C ILE D 157 39.01 26.71 -7.95
N SER D 158 40.12 26.13 -7.53
CA SER D 158 40.33 24.68 -7.54
C SER D 158 40.38 24.12 -6.13
N CYS D 159 39.80 22.93 -5.96
CA CYS D 159 39.85 22.16 -4.74
C CYS D 159 40.32 20.75 -5.07
N ARG D 160 41.01 20.11 -4.13
CA ARG D 160 41.60 18.80 -4.33
C ARG D 160 41.27 17.90 -3.14
N SER D 161 41.22 16.59 -3.41
CA SER D 161 40.91 15.59 -2.40
C SER D 161 41.94 14.47 -2.44
N SER D 162 42.04 13.76 -1.32
CA SER D 162 42.97 12.64 -1.19
C SER D 162 42.35 11.31 -1.62
N LYS D 163 41.09 11.31 -2.04
CA LYS D 163 40.41 10.09 -2.45
C LYS D 163 39.37 10.44 -3.49
N SER D 164 39.02 9.45 -4.32
CA SER D 164 37.98 9.64 -5.31
C SER D 164 36.63 9.81 -4.62
N LEU D 165 35.88 10.82 -5.04
CA LEU D 165 34.57 11.12 -4.48
C LEU D 165 33.42 10.60 -5.34
N LEU D 166 33.71 9.85 -6.39
CA LEU D 166 32.68 9.34 -7.29
C LEU D 166 32.23 7.98 -6.78
N HIS D 167 31.04 7.94 -6.18
CA HIS D 167 30.50 6.69 -5.67
C HIS D 167 30.03 5.81 -6.83
N SER D 168 29.85 4.51 -6.53
CA SER D 168 29.46 3.56 -7.56
C SER D 168 28.08 3.86 -8.14
N ASN D 169 27.20 4.51 -7.38
CA ASN D 169 25.88 4.83 -7.90
C ASN D 169 25.94 5.83 -9.04
N GLY D 170 26.87 6.78 -8.99
CA GLY D 170 27.10 7.63 -10.13
C GLY D 170 27.04 9.13 -9.87
N ASN D 171 27.20 9.55 -8.63
CA ASN D 171 27.19 10.97 -8.29
C ASN D 171 28.38 11.30 -7.39
N THR D 172 28.85 12.53 -7.49
CA THR D 172 29.97 13.02 -6.70
C THR D 172 29.46 13.92 -5.59
N TYR D 173 29.86 13.63 -4.35
CA TYR D 173 29.34 14.33 -3.19
C TYR D 173 30.28 15.47 -2.79
N LEU D 174 30.29 16.50 -3.63
CA LEU D 174 31.08 17.70 -3.39
C LEU D 174 30.15 18.91 -3.26
N TYR D 175 30.47 19.80 -2.32
CA TYR D 175 29.65 20.96 -2.02
C TYR D 175 30.52 22.21 -2.06
N TRP D 176 30.05 23.26 -2.74
CA TRP D 176 30.71 24.56 -2.77
C TRP D 176 29.81 25.58 -2.08
N PHE D 177 30.36 26.26 -1.08
CA PHE D 177 29.67 27.27 -0.28
C PHE D 177 30.39 28.62 -0.38
N LEU D 178 29.66 29.66 0.01
CA LEU D 178 30.18 31.03 0.16
C LEU D 178 29.82 31.63 1.50
N GLN D 179 30.81 32.31 2.08
CA GLN D 179 30.59 33.15 3.25
C GLN D 179 30.99 34.59 2.89
N ARG D 180 30.02 35.49 2.92
CA ARG D 180 30.26 36.91 2.74
C ARG D 180 30.86 37.52 4.01
N PRO D 181 31.52 38.67 3.88
CA PRO D 181 32.06 39.33 5.09
C PRO D 181 30.94 39.69 6.06
N GLY D 182 31.05 39.17 7.28
CA GLY D 182 30.07 39.44 8.30
C GLY D 182 28.73 38.75 8.11
N GLN D 183 28.70 37.65 7.37
CA GLN D 183 27.46 36.94 7.09
C GLN D 183 27.65 35.45 7.28
N SER D 184 26.54 34.75 7.49
CA SER D 184 26.56 33.30 7.58
C SER D 184 26.73 32.69 6.20
N PRO D 185 27.25 31.46 6.12
CA PRO D 185 27.43 30.82 4.81
C PRO D 185 26.13 30.52 4.10
N GLN D 186 26.23 30.04 2.86
CA GLN D 186 25.07 29.67 2.08
C GLN D 186 25.51 28.68 1.01
N LEU D 187 24.58 27.86 0.54
CA LEU D 187 24.90 26.82 -0.42
C LEU D 187 24.97 27.41 -1.82
N LEU D 188 26.11 27.24 -2.49
CA LEU D 188 26.25 27.64 -3.89
C LEU D 188 25.93 26.50 -4.83
N ILE D 189 26.70 25.41 -4.77
CA ILE D 189 26.39 24.26 -5.61
C ILE D 189 26.52 22.98 -4.78
N TYR D 190 25.59 22.05 -4.99
CA TYR D 190 25.54 20.79 -4.28
C TYR D 190 25.77 19.64 -5.25
N ARG D 191 26.49 18.62 -4.79
CA ARG D 191 26.86 17.44 -5.58
C ARG D 191 27.69 17.82 -6.81
N MET D 192 28.44 18.92 -6.70
CA MET D 192 29.53 19.28 -7.60
C MET D 192 29.07 19.75 -8.98
N SER D 193 27.79 19.61 -9.30
CA SER D 193 27.30 20.10 -10.58
C SER D 193 25.90 20.69 -10.54
N ASN D 194 25.26 20.80 -9.37
CA ASN D 194 23.88 21.24 -9.27
C ASN D 194 23.82 22.56 -8.51
N LEU D 195 23.17 23.55 -9.11
CA LEU D 195 23.07 24.89 -8.53
C LEU D 195 21.89 24.94 -7.54
N ALA D 196 22.12 25.61 -6.42
CA ALA D 196 21.10 25.72 -5.40
C ALA D 196 20.03 26.73 -5.83
N SER D 197 19.08 26.99 -4.93
CA SER D 197 17.97 27.88 -5.19
C SER D 197 18.29 29.28 -4.68
N GLY D 198 17.79 30.28 -5.41
CA GLY D 198 18.11 31.66 -5.07
C GLY D 198 19.52 32.07 -5.40
N VAL D 199 20.16 31.38 -6.33
CA VAL D 199 21.55 31.63 -6.70
C VAL D 199 21.60 31.96 -8.19
N PRO D 200 22.24 33.06 -8.60
CA PRO D 200 22.27 33.40 -10.03
C PRO D 200 22.99 32.34 -10.84
N ASP D 201 22.59 32.22 -12.11
CA ASP D 201 23.08 31.15 -12.98
C ASP D 201 24.53 31.34 -13.39
N ARG D 202 25.14 32.49 -13.10
CA ARG D 202 26.52 32.72 -13.53
C ARG D 202 27.51 31.77 -12.87
N PHE D 203 27.18 31.23 -11.71
CA PHE D 203 28.05 30.26 -11.04
C PHE D 203 27.97 28.91 -11.74
N SER D 204 29.07 28.15 -11.67
CA SER D 204 29.08 26.80 -12.20
C SER D 204 30.19 26.02 -11.54
N GLY D 205 30.09 24.70 -11.64
CA GLY D 205 31.11 23.83 -11.06
C GLY D 205 31.31 22.60 -11.93
N SER D 206 32.52 22.07 -11.90
CA SER D 206 32.85 20.89 -12.69
C SER D 206 34.08 20.22 -12.09
N GLY D 207 34.52 19.14 -12.72
CA GLY D 207 35.72 18.47 -12.30
C GLY D 207 35.67 16.97 -12.45
N SER D 208 36.75 16.30 -12.03
CA SER D 208 36.84 14.85 -12.04
C SER D 208 37.42 14.40 -10.72
N GLY D 209 37.64 13.09 -10.60
CA GLY D 209 38.16 12.50 -9.37
C GLY D 209 39.34 13.22 -8.77
N THR D 210 39.15 13.75 -7.56
CA THR D 210 40.17 14.43 -6.77
C THR D 210 40.66 15.73 -7.42
N ALA D 211 39.84 16.37 -8.25
CA ALA D 211 40.20 17.67 -8.82
C ALA D 211 38.93 18.37 -9.26
N PHE D 212 38.56 19.44 -8.56
CA PHE D 212 37.30 20.12 -8.82
C PHE D 212 37.53 21.62 -9.01
N THR D 213 36.74 22.23 -9.88
CA THR D 213 36.87 23.64 -10.20
C THR D 213 35.51 24.32 -10.14
N LEU D 214 35.44 25.42 -9.40
CA LEU D 214 34.28 26.30 -9.35
C LEU D 214 34.58 27.53 -10.19
N THR D 215 33.71 27.81 -11.16
CA THR D 215 33.92 28.88 -12.12
C THR D 215 32.80 29.91 -12.00
N ILE D 216 33.18 31.18 -11.85
CA ILE D 216 32.24 32.28 -11.82
C ILE D 216 32.51 33.16 -13.03
N SER D 217 31.45 33.47 -13.78
CA SER D 217 31.53 34.27 -14.99
C SER D 217 30.75 35.56 -14.81
N ARG D 218 31.25 36.63 -15.42
CA ARG D 218 30.66 37.96 -15.30
C ARG D 218 30.58 38.38 -13.84
N LEU D 219 31.75 38.47 -13.21
CA LEU D 219 31.83 38.81 -11.79
C LEU D 219 31.16 40.15 -11.50
N GLU D 220 30.36 40.18 -10.45
CA GLU D 220 29.65 41.38 -10.03
C GLU D 220 29.99 41.68 -8.56
N ALA D 221 29.42 42.76 -8.06
CA ALA D 221 29.62 43.12 -6.66
C ALA D 221 28.90 42.12 -5.75
N GLU D 222 29.31 42.10 -4.49
CA GLU D 222 28.83 41.21 -3.44
C GLU D 222 29.21 39.76 -3.67
N ASP D 223 29.90 39.44 -4.77
CA ASP D 223 30.43 38.10 -4.98
C ASP D 223 31.72 37.86 -4.20
N VAL D 224 32.34 38.92 -3.68
CA VAL D 224 33.56 38.75 -2.90
C VAL D 224 33.24 38.09 -1.57
N GLY D 225 34.22 37.38 -1.02
CA GLY D 225 34.01 36.64 0.21
C GLY D 225 34.96 35.47 0.32
N VAL D 226 34.50 34.35 0.87
CA VAL D 226 35.31 33.14 0.95
C VAL D 226 34.52 31.97 0.38
N TYR D 227 35.15 31.24 -0.56
CA TYR D 227 34.60 30.02 -1.12
C TYR D 227 35.13 28.82 -0.34
N TYR D 228 34.26 27.83 -0.13
CA TYR D 228 34.60 26.62 0.61
C TYR D 228 34.18 25.38 -0.19
N CYS D 229 35.00 24.34 -0.11
CA CYS D 229 34.72 23.04 -0.72
C CYS D 229 34.66 22.00 0.39
N MET D 230 33.62 21.16 0.37
CA MET D 230 33.46 20.12 1.37
C MET D 230 32.98 18.84 0.68
N GLN D 231 33.28 17.70 1.29
CA GLN D 231 32.88 16.41 0.78
C GLN D 231 31.79 15.81 1.67
N HIS D 232 30.93 15.01 1.05
CA HIS D 232 29.89 14.26 1.77
C HIS D 232 29.89 12.80 1.33
N LEU D 233 31.07 12.20 1.29
CA LEU D 233 31.18 10.78 0.95
C LEU D 233 31.07 9.88 2.16
N GLU D 234 31.48 10.34 3.33
CA GLU D 234 31.44 9.54 4.55
C GLU D 234 31.63 10.46 5.75
N TYR D 235 31.30 9.93 6.92
CA TYR D 235 31.52 10.75 8.09
C TYR D 235 32.85 10.40 8.74
N PRO D 236 33.61 11.37 9.25
CA PRO D 236 33.27 12.81 9.30
C PRO D 236 33.38 13.53 7.96
N LEU D 237 32.60 14.59 7.80
CA LEU D 237 32.70 15.44 6.63
C LEU D 237 33.82 16.45 6.85
N THR D 238 34.72 16.55 5.88
CA THR D 238 35.93 17.35 6.01
C THR D 238 35.82 18.59 5.12
N PHE D 239 36.17 19.74 5.69
CA PHE D 239 36.12 21.02 5.00
C PHE D 239 37.47 21.36 4.39
N GLY D 240 37.43 22.19 3.35
CA GLY D 240 38.64 22.70 2.75
C GLY D 240 39.16 23.91 3.49
N ALA D 241 40.26 24.46 2.97
CA ALA D 241 40.84 25.67 3.55
C ALA D 241 40.04 26.92 3.19
N GLY D 242 39.39 26.92 2.02
CA GLY D 242 38.63 28.08 1.58
C GLY D 242 39.51 29.14 0.96
N THR D 243 39.07 29.68 -0.17
CA THR D 243 39.81 30.72 -0.89
C THR D 243 39.11 32.06 -0.73
N LYS D 244 39.86 33.08 -0.35
CA LYS D 244 39.32 34.42 -0.16
C LYS D 244 39.42 35.19 -1.46
N LEU D 245 38.27 35.57 -2.02
CA LEU D 245 38.20 36.37 -3.23
C LEU D 245 37.86 37.80 -2.81
N GLU D 246 38.81 38.72 -2.99
CA GLU D 246 38.64 40.11 -2.60
C GLU D 246 39.22 41.01 -3.67
N LEU D 247 38.71 42.24 -3.71
CA LEU D 247 39.15 43.21 -4.70
C LEU D 247 40.55 43.73 -4.38
N TRP E 63 14.99 -53.36 7.64
CA TRP E 63 14.43 -53.14 8.96
C TRP E 63 14.92 -51.81 9.54
N VAL E 64 16.20 -51.74 9.88
CA VAL E 64 16.76 -50.52 10.44
C VAL E 64 16.81 -49.41 9.40
N VAL E 65 17.10 -49.78 8.15
CA VAL E 65 17.26 -48.77 7.10
C VAL E 65 15.95 -48.01 6.88
N GLY E 66 14.84 -48.73 6.77
CA GLY E 66 13.57 -48.08 6.52
C GLY E 66 13.10 -47.18 7.66
N MET E 67 13.26 -47.66 8.89
CA MET E 67 12.86 -46.83 10.03
C MET E 67 13.76 -45.60 10.16
N GLY E 68 15.05 -45.76 9.93
CA GLY E 68 15.92 -44.58 9.90
C GLY E 68 15.53 -43.61 8.81
N ILE E 69 15.14 -44.13 7.64
CA ILE E 69 14.72 -43.28 6.53
C ILE E 69 13.48 -42.48 6.92
N VAL E 70 12.49 -43.14 7.52
CA VAL E 70 11.27 -42.42 7.88
C VAL E 70 11.54 -41.43 9.01
N MET E 71 12.45 -41.75 9.92
CA MET E 71 12.85 -40.79 10.95
C MET E 71 13.46 -39.54 10.32
N SER E 72 14.36 -39.73 9.36
CA SER E 72 14.95 -38.59 8.66
C SER E 72 13.88 -37.79 7.90
N LEU E 73 12.91 -38.50 7.31
CA LEU E 73 11.85 -37.82 6.58
C LEU E 73 11.02 -36.93 7.51
N ILE E 74 10.66 -37.42 8.70
CA ILE E 74 9.87 -36.59 9.60
C ILE E 74 10.71 -35.42 10.12
N VAL E 75 12.01 -35.63 10.34
CA VAL E 75 12.88 -34.52 10.72
C VAL E 75 12.86 -33.44 9.65
N LEU E 76 13.05 -33.85 8.39
CA LEU E 76 13.08 -32.89 7.29
C LEU E 76 11.75 -32.16 7.15
N ALA E 77 10.64 -32.88 7.27
CA ALA E 77 9.33 -32.25 7.13
C ALA E 77 9.10 -31.22 8.23
N ILE E 78 9.42 -31.58 9.48
CA ILE E 78 9.23 -30.65 10.59
C ILE E 78 10.06 -29.39 10.38
N VAL E 79 11.34 -29.57 10.03
CA VAL E 79 12.23 -28.43 9.84
C VAL E 79 11.72 -27.54 8.70
N PHE E 80 11.33 -28.15 7.58
CA PHE E 80 10.87 -27.39 6.43
C PHE E 80 9.64 -26.57 6.78
N GLY E 81 8.65 -27.20 7.41
CA GLY E 81 7.43 -26.47 7.76
C GLY E 81 7.71 -25.32 8.70
N ASN E 82 8.49 -25.57 9.75
CA ASN E 82 8.75 -24.51 10.73
C ASN E 82 9.53 -23.36 10.12
N VAL E 83 10.57 -23.67 9.33
CA VAL E 83 11.36 -22.59 8.74
C VAL E 83 10.53 -21.80 7.74
N LEU E 84 9.65 -22.47 7.00
CA LEU E 84 8.78 -21.78 6.07
C LEU E 84 7.86 -20.80 6.80
N VAL E 85 7.23 -21.27 7.88
CA VAL E 85 6.31 -20.41 8.63
C VAL E 85 7.05 -19.22 9.22
N ILE E 86 8.21 -19.48 9.83
CA ILE E 86 8.95 -18.39 10.49
C ILE E 86 9.42 -17.37 9.46
N THR E 87 9.95 -17.83 8.33
CA THR E 87 10.39 -16.90 7.29
C THR E 87 9.24 -16.08 6.75
N ALA E 88 8.09 -16.73 6.50
CA ALA E 88 6.94 -16.00 5.97
C ALA E 88 6.47 -14.92 6.94
N ILE E 89 6.43 -15.24 8.23
CA ILE E 89 5.99 -14.24 9.20
C ILE E 89 7.02 -13.12 9.34
N ALA E 90 8.31 -13.46 9.35
CA ALA E 90 9.33 -12.47 9.63
C ALA E 90 9.54 -11.52 8.46
N LYS E 91 9.49 -12.03 7.23
CA LYS E 91 9.82 -11.21 6.07
C LYS E 91 8.76 -10.13 5.83
N PHE E 92 7.53 -10.54 5.55
CA PHE E 92 6.50 -9.61 5.15
C PHE E 92 5.94 -8.84 6.34
N GLU E 93 5.40 -7.66 6.07
CA GLU E 93 4.93 -6.75 7.11
C GLU E 93 3.43 -6.80 7.33
N ARG E 94 2.66 -7.33 6.38
CA ARG E 94 1.22 -7.44 6.55
C ARG E 94 0.81 -8.60 7.43
N LEU E 95 1.72 -9.54 7.69
CA LEU E 95 1.43 -10.72 8.49
C LEU E 95 1.77 -10.54 9.96
N GLN E 96 2.30 -9.37 10.36
CA GLN E 96 2.65 -9.12 11.74
C GLN E 96 1.47 -8.55 12.53
N THR E 97 0.34 -9.25 12.49
CA THR E 97 -0.81 -8.89 13.30
C THR E 97 -0.63 -9.41 14.72
N VAL E 98 -1.49 -8.93 15.63
CA VAL E 98 -1.39 -9.34 17.02
C VAL E 98 -1.69 -10.83 17.18
N THR E 99 -2.64 -11.34 16.39
CA THR E 99 -2.96 -12.76 16.45
C THR E 99 -1.78 -13.62 16.00
N ASN E 100 -1.22 -13.29 14.84
CA ASN E 100 -0.17 -14.13 14.26
C ASN E 100 1.04 -14.26 15.17
N TYR E 101 1.26 -13.30 16.07
CA TYR E 101 2.33 -13.42 17.04
C TYR E 101 2.27 -14.77 17.75
N PHE E 102 1.08 -15.13 18.24
CA PHE E 102 0.92 -16.41 18.91
C PHE E 102 1.39 -17.55 18.02
N ILE E 103 0.97 -17.55 16.76
CA ILE E 103 1.37 -18.61 15.85
C ILE E 103 2.89 -18.70 15.76
N THR E 104 3.54 -17.53 15.69
CA THR E 104 5.00 -17.52 15.64
C THR E 104 5.60 -18.32 16.79
N SER E 105 5.10 -18.08 18.01
CA SER E 105 5.61 -18.79 19.17
C SER E 105 5.52 -20.29 18.95
N LEU E 106 4.37 -20.77 18.47
CA LEU E 106 4.20 -22.20 18.21
C LEU E 106 5.31 -22.69 17.29
N ALA E 107 5.54 -21.98 16.18
CA ALA E 107 6.57 -22.40 15.24
C ALA E 107 7.92 -22.53 15.93
N CYS E 108 8.25 -21.55 16.79
CA CYS E 108 9.51 -21.64 17.52
C CYS E 108 9.57 -22.91 18.35
N ALA E 109 8.51 -23.17 19.13
CA ALA E 109 8.49 -24.36 19.97
C ALA E 109 8.52 -25.63 19.13
N ASP E 110 8.21 -25.53 17.84
CA ASP E 110 8.30 -26.67 16.95
C ASP E 110 9.65 -26.77 16.28
N LEU E 111 10.30 -25.63 16.02
CA LEU E 111 11.55 -25.65 15.26
C LEU E 111 12.61 -26.47 15.97
N VAL E 112 12.71 -26.32 17.30
CA VAL E 112 13.71 -27.06 18.07
C VAL E 112 13.49 -28.56 17.95
N MET E 113 12.24 -28.99 17.73
CA MET E 113 11.99 -30.40 17.46
C MET E 113 12.90 -30.93 16.36
N GLY E 114 13.03 -30.17 15.28
CA GLY E 114 13.87 -30.63 14.19
C GLY E 114 15.34 -30.37 14.36
N LEU E 115 15.75 -29.81 15.50
CA LEU E 115 17.14 -29.41 15.70
C LEU E 115 17.84 -30.18 16.81
N ALA E 116 17.26 -30.23 18.01
CA ALA E 116 17.98 -30.73 19.16
C ALA E 116 17.20 -31.77 19.95
N VAL E 117 16.16 -32.36 19.38
CA VAL E 117 15.42 -33.41 20.08
C VAL E 117 15.37 -34.68 19.27
N VAL E 118 14.75 -34.62 18.11
CA VAL E 118 14.53 -35.80 17.26
C VAL E 118 15.85 -36.37 16.73
N PRO E 119 16.78 -35.57 16.20
CA PRO E 119 18.06 -36.17 15.78
C PRO E 119 18.84 -36.80 16.91
N PHE E 120 18.84 -36.19 18.10
CA PHE E 120 19.52 -36.80 19.24
C PHE E 120 18.86 -38.11 19.65
N GLY E 121 17.52 -38.15 19.62
CA GLY E 121 16.84 -39.40 19.87
C GLY E 121 17.16 -40.46 18.83
N ALA E 122 17.31 -40.04 17.57
CA ALA E 122 17.71 -40.98 16.53
C ALA E 122 19.09 -41.55 16.81
N ALA E 123 20.03 -40.69 17.20
CA ALA E 123 21.37 -41.17 17.55
C ALA E 123 21.33 -42.11 18.73
N HIS E 124 20.51 -41.81 19.74
CA HIS E 124 20.42 -42.66 20.92
C HIS E 124 19.80 -44.01 20.58
N ILE E 125 18.80 -44.04 19.70
CA ILE E 125 18.06 -45.26 19.45
C ILE E 125 18.78 -46.16 18.46
N LEU E 126 19.23 -45.59 17.34
CA LEU E 126 19.89 -46.40 16.31
C LEU E 126 21.16 -47.04 16.83
N THR E 127 21.96 -46.28 17.58
CA THR E 127 23.21 -46.81 18.12
C THR E 127 23.01 -47.63 19.39
N LYS E 128 21.81 -47.63 19.96
CA LYS E 128 21.47 -48.38 21.17
C LYS E 128 22.33 -47.96 22.35
N THR E 129 22.93 -46.78 22.30
CA THR E 129 23.77 -46.29 23.39
C THR E 129 23.88 -44.77 23.27
N TRP E 130 24.31 -44.15 24.36
CA TRP E 130 24.49 -42.71 24.42
C TRP E 130 25.96 -42.39 24.20
N THR E 131 26.25 -41.64 23.14
CA THR E 131 27.63 -41.32 22.78
C THR E 131 28.20 -40.16 23.58
N PHE E 132 27.39 -39.50 24.41
CA PHE E 132 27.83 -38.42 25.28
C PHE E 132 27.65 -38.87 26.73
N GLY E 133 27.95 -37.96 27.66
CA GLY E 133 27.81 -38.32 29.06
C GLY E 133 27.40 -37.23 30.03
N ASN E 134 26.28 -37.46 30.72
CA ASN E 134 25.88 -36.73 31.92
C ASN E 134 25.68 -35.24 31.71
N PHE E 135 25.87 -34.75 30.49
CA PHE E 135 25.54 -33.36 30.17
C PHE E 135 24.56 -33.25 29.02
N TRP E 136 24.83 -33.94 27.91
CA TRP E 136 23.94 -33.84 26.76
C TRP E 136 22.65 -34.61 26.97
N CYS E 137 22.67 -35.64 27.81
CA CYS E 137 21.45 -36.35 28.15
C CYS E 137 20.47 -35.44 28.87
N GLU E 138 20.94 -34.77 29.93
CA GLU E 138 20.08 -33.86 30.68
C GLU E 138 19.62 -32.68 29.84
N PHE E 139 20.53 -32.10 29.06
CA PHE E 139 20.16 -30.98 28.19
C PHE E 139 19.12 -31.41 27.17
N TRP E 140 19.30 -32.58 26.58
CA TRP E 140 18.35 -33.10 25.60
C TRP E 140 16.97 -33.29 26.23
N THR E 141 16.93 -33.89 27.42
CA THR E 141 15.65 -34.10 28.09
C THR E 141 14.97 -32.78 28.43
N SER E 142 15.75 -31.82 28.97
CA SER E 142 15.17 -30.53 29.35
C SER E 142 14.62 -29.79 28.14
N ILE E 143 15.37 -29.78 27.03
CA ILE E 143 14.90 -29.08 25.85
C ILE E 143 13.66 -29.76 25.27
N ASP E 144 13.60 -31.10 25.34
CA ASP E 144 12.42 -31.81 24.87
C ASP E 144 11.18 -31.41 25.67
N VAL E 145 11.30 -31.42 27.01
CA VAL E 145 10.15 -31.07 27.85
C VAL E 145 9.74 -29.62 27.60
N LEU E 146 10.72 -28.72 27.50
CA LEU E 146 10.43 -27.32 27.23
C LEU E 146 9.63 -27.16 25.95
N CYS E 147 10.09 -27.79 24.86
CA CYS E 147 9.39 -27.63 23.59
C CYS E 147 7.98 -28.20 23.64
N VAL E 148 7.81 -29.37 24.26
CA VAL E 148 6.48 -29.98 24.34
C VAL E 148 5.52 -29.07 25.09
N THR E 149 5.93 -28.62 26.28
CA THR E 149 5.06 -27.76 27.08
C THR E 149 4.73 -26.46 26.34
N ALA E 150 5.74 -25.84 25.73
CA ALA E 150 5.51 -24.59 25.02
C ALA E 150 4.52 -24.77 23.89
N SER E 151 4.64 -25.87 23.12
CA SER E 151 3.71 -26.10 22.03
C SER E 151 2.28 -26.26 22.53
N ILE E 152 2.09 -27.07 23.58
CA ILE E 152 0.72 -27.30 24.06
C ILE E 152 0.12 -26.00 24.58
N GLU E 153 0.87 -25.24 25.37
CA GLU E 153 0.31 -24.02 25.92
C GLU E 153 0.09 -22.95 24.84
N THR E 154 0.89 -22.96 23.77
CA THR E 154 0.61 -22.06 22.66
C THR E 154 -0.70 -22.42 21.98
N LEU E 155 -0.98 -23.72 21.83
CA LEU E 155 -2.27 -24.13 21.29
C LEU E 155 -3.41 -23.64 22.19
N CYS E 156 -3.24 -23.76 23.50
CA CYS E 156 -4.27 -23.30 24.43
C CYS E 156 -4.49 -21.80 24.31
N VAL E 157 -3.41 -21.03 24.20
CA VAL E 157 -3.54 -19.57 24.07
C VAL E 157 -4.26 -19.20 22.78
N ILE E 158 -3.95 -19.92 21.69
CA ILE E 158 -4.66 -19.67 20.43
C ILE E 158 -6.15 -19.91 20.61
N ALA E 159 -6.52 -21.01 21.28
CA ALA E 159 -7.93 -21.30 21.49
C ALA E 159 -8.62 -20.20 22.31
N VAL E 160 -7.97 -19.73 23.37
CA VAL E 160 -8.56 -18.69 24.21
C VAL E 160 -8.73 -17.40 23.43
N ASP E 161 -7.75 -17.06 22.59
CA ASP E 161 -7.86 -15.87 21.75
C ASP E 161 -9.05 -15.99 20.81
N ARG E 162 -9.22 -17.16 20.19
CA ARG E 162 -10.37 -17.35 19.29
C ARG E 162 -11.68 -17.18 20.04
N TYR E 163 -11.76 -17.72 21.27
CA TYR E 163 -12.98 -17.58 22.06
C TYR E 163 -13.30 -16.12 22.34
N PHE E 164 -12.30 -15.36 22.80
CA PHE E 164 -12.53 -13.96 23.12
C PHE E 164 -12.91 -13.17 21.88
N ALA E 165 -12.31 -13.49 20.73
CA ALA E 165 -12.68 -12.81 19.50
C ALA E 165 -14.12 -13.11 19.10
N ILE E 166 -14.55 -14.37 19.23
CA ILE E 166 -15.89 -14.74 18.80
C ILE E 166 -16.95 -14.15 19.73
N THR E 167 -16.68 -14.15 21.04
CA THR E 167 -17.72 -13.76 22.00
C THR E 167 -18.03 -12.27 21.92
N SER E 168 -17.05 -11.43 22.21
CA SER E 168 -17.25 -9.97 22.28
C SER E 168 -16.19 -9.27 21.45
N PRO E 169 -16.44 -9.05 20.16
CA PRO E 169 -15.38 -8.53 19.28
C PRO E 169 -14.96 -7.09 19.59
N PHE E 170 -15.95 -6.20 19.68
CA PHE E 170 -15.66 -4.77 19.81
C PHE E 170 -14.90 -4.46 21.09
N LYS E 171 -15.32 -5.05 22.20
CA LYS E 171 -14.66 -4.80 23.47
C LYS E 171 -13.30 -5.48 23.53
N TYR E 172 -13.15 -6.63 22.85
CA TYR E 172 -11.88 -7.35 22.89
C TYR E 172 -10.81 -6.63 22.08
N GLN E 173 -11.14 -6.18 20.87
CA GLN E 173 -10.11 -5.57 20.03
C GLN E 173 -9.63 -4.23 20.57
N SER E 174 -10.33 -3.64 21.53
CA SER E 174 -9.94 -2.37 22.12
C SER E 174 -8.93 -2.53 23.25
N LEU E 175 -8.66 -3.76 23.70
CA LEU E 175 -7.69 -3.99 24.77
C LEU E 175 -6.65 -5.04 24.42
N LEU E 176 -6.57 -5.47 23.15
CA LEU E 176 -5.56 -6.42 22.72
C LEU E 176 -4.41 -5.63 22.09
N THR E 177 -3.61 -5.02 22.94
CA THR E 177 -2.40 -4.33 22.50
C THR E 177 -1.27 -5.33 22.33
N LYS E 178 -0.29 -4.95 21.49
CA LYS E 178 0.85 -5.83 21.25
C LYS E 178 1.63 -6.10 22.52
N ASN E 179 1.62 -5.15 23.46
CA ASN E 179 2.30 -5.38 24.74
C ASN E 179 1.68 -6.54 25.49
N LYS E 180 0.34 -6.62 25.51
CA LYS E 180 -0.32 -7.73 26.20
C LYS E 180 -0.02 -9.06 25.54
N ALA E 181 -0.01 -9.10 24.21
CA ALA E 181 0.32 -10.34 23.51
C ALA E 181 1.75 -10.78 23.81
N ARG E 182 2.69 -9.82 23.82
CA ARG E 182 4.07 -10.15 24.14
C ARG E 182 4.18 -10.66 25.58
N VAL E 183 3.44 -10.03 26.50
CA VAL E 183 3.46 -10.48 27.89
C VAL E 183 2.93 -11.91 28.00
N ILE E 184 1.85 -12.21 27.29
CA ILE E 184 1.26 -13.54 27.34
C ILE E 184 2.24 -14.58 26.80
N ILE E 185 2.87 -14.28 25.66
CA ILE E 185 3.80 -15.24 25.06
C ILE E 185 5.00 -15.45 25.97
N LEU E 186 5.52 -14.36 26.56
CA LEU E 186 6.65 -14.48 27.47
C LEU E 186 6.27 -15.32 28.70
N MET E 187 5.07 -15.11 29.23
CA MET E 187 4.63 -15.90 30.37
C MET E 187 4.52 -17.37 30.01
N VAL E 188 4.00 -17.68 28.82
CA VAL E 188 3.91 -19.06 28.37
C VAL E 188 5.30 -19.70 28.32
N TRP E 189 6.25 -18.99 27.72
CA TRP E 189 7.58 -19.58 27.59
C TRP E 189 8.29 -19.69 28.94
N ILE E 190 8.06 -18.74 29.84
CA ILE E 190 8.69 -18.81 31.17
C ILE E 190 8.13 -19.98 31.95
N VAL E 191 6.82 -20.17 31.94
CA VAL E 191 6.26 -21.31 32.68
C VAL E 191 6.64 -22.62 32.02
N SER E 192 6.83 -22.62 30.70
CA SER E 192 7.34 -23.82 30.03
C SER E 192 8.76 -24.13 30.47
N GLY E 193 9.59 -23.10 30.60
CA GLY E 193 10.96 -23.33 31.08
C GLY E 193 11.02 -23.78 32.51
N LEU E 194 10.12 -23.25 33.36
CA LEU E 194 10.17 -23.55 34.78
C LEU E 194 9.91 -25.02 35.07
N THR E 195 9.15 -25.70 34.22
CA THR E 195 8.82 -27.11 34.42
C THR E 195 9.80 -28.04 33.72
N SER E 196 10.80 -27.51 33.01
CA SER E 196 11.74 -28.34 32.26
C SER E 196 13.16 -28.25 32.81
N PHE E 197 13.72 -27.05 32.92
CA PHE E 197 15.10 -26.90 33.34
C PHE E 197 15.26 -26.89 34.85
N LEU E 198 14.36 -26.21 35.56
CA LEU E 198 14.47 -26.14 37.02
C LEU E 198 14.41 -27.51 37.70
N PRO E 199 13.44 -28.38 37.40
CA PRO E 199 13.37 -29.66 38.13
C PRO E 199 14.32 -30.72 37.62
N ILE E 200 14.92 -30.55 36.44
CA ILE E 200 15.81 -31.57 35.89
C ILE E 200 17.26 -31.28 36.25
N GLN E 201 17.72 -30.04 36.03
CA GLN E 201 19.12 -29.71 36.30
C GLN E 201 19.42 -29.74 37.79
N MET E 202 18.42 -29.51 38.63
CA MET E 202 18.59 -29.58 40.08
C MET E 202 18.22 -30.95 40.65
N HIS E 203 17.88 -31.91 39.79
CA HIS E 203 17.59 -33.29 40.20
C HIS E 203 16.45 -33.33 41.22
N TRP E 204 15.35 -32.65 40.90
CA TRP E 204 14.20 -32.60 41.80
C TRP E 204 13.32 -33.84 41.71
N TYR E 205 13.47 -34.65 40.67
CA TYR E 205 12.67 -35.88 40.56
C TYR E 205 13.35 -37.03 41.29
N ARG E 206 14.55 -37.41 40.88
CA ARG E 206 15.43 -38.32 41.61
C ARG E 206 14.74 -39.65 41.90
N ALA E 207 14.48 -40.38 40.82
CA ALA E 207 13.96 -41.74 40.94
C ALA E 207 14.90 -42.59 41.78
N THR E 208 14.33 -43.34 42.72
CA THR E 208 15.11 -44.05 43.74
C THR E 208 14.83 -45.56 43.69
N HIS E 209 15.61 -46.26 42.87
CA HIS E 209 15.65 -47.71 42.88
C HIS E 209 16.95 -48.15 42.19
N GLN E 210 17.16 -49.47 42.14
CA GLN E 210 18.45 -50.00 41.70
C GLN E 210 18.74 -49.62 40.25
N GLU E 211 17.75 -49.78 39.37
CA GLU E 211 17.95 -49.44 37.96
C GLU E 211 18.19 -47.94 37.79
N ALA E 212 17.47 -47.12 38.55
CA ALA E 212 17.63 -45.68 38.46
C ALA E 212 19.05 -45.27 38.83
N ILE E 213 19.58 -45.81 39.94
CA ILE E 213 20.93 -45.49 40.35
C ILE E 213 21.94 -46.01 39.34
N ASN E 214 21.71 -47.22 38.83
CA ASN E 214 22.64 -47.80 37.86
C ASN E 214 22.74 -46.95 36.60
N CYS E 215 21.60 -46.47 36.09
CA CYS E 215 21.62 -45.66 34.88
C CYS E 215 22.01 -44.21 35.16
N TYR E 216 21.89 -43.74 36.41
CA TYR E 216 22.47 -42.45 36.75
C TYR E 216 23.98 -42.52 36.81
N ALA E 217 24.52 -43.68 37.20
CA ALA E 217 25.97 -43.79 37.43
C ALA E 217 26.74 -43.84 36.12
N GLU E 218 26.50 -44.86 35.31
CA GLU E 218 27.35 -45.09 34.15
C GLU E 218 27.00 -44.12 33.02
N GLU E 219 27.88 -44.05 32.03
CA GLU E 219 27.90 -42.95 31.07
C GLU E 219 27.14 -43.24 29.79
N THR E 220 26.50 -44.40 29.66
CA THR E 220 25.80 -44.75 28.43
C THR E 220 24.31 -44.94 28.57
N CYS E 221 23.77 -45.00 29.79
CA CYS E 221 22.33 -45.18 29.99
C CYS E 221 21.66 -43.82 30.07
N CYS E 222 21.20 -43.34 28.92
CA CYS E 222 20.40 -42.11 28.85
C CYS E 222 18.91 -42.44 28.78
N ASP E 223 18.41 -43.04 29.86
CA ASP E 223 16.99 -43.33 30.01
C ASP E 223 16.37 -42.42 31.06
N PHE E 224 15.15 -41.96 30.77
CA PHE E 224 14.46 -40.99 31.63
C PHE E 224 13.65 -41.74 32.67
N PHE E 225 14.03 -41.58 33.94
CA PHE E 225 13.34 -42.21 35.06
C PHE E 225 12.78 -41.13 35.97
N THR E 226 11.52 -41.29 36.37
CA THR E 226 10.84 -40.31 37.21
C THR E 226 10.09 -41.00 38.33
N ASN E 227 9.91 -40.29 39.43
CA ASN E 227 9.18 -40.78 40.60
C ASN E 227 7.69 -40.46 40.42
N GLN E 228 6.92 -40.61 41.51
CA GLN E 228 5.51 -40.22 41.47
C GLN E 228 5.37 -38.73 41.16
N ALA E 229 6.16 -37.90 41.84
CA ALA E 229 6.20 -36.49 41.50
C ALA E 229 6.93 -36.28 40.18
N TYR E 230 6.56 -35.22 39.47
CA TYR E 230 7.11 -34.84 38.18
C TYR E 230 6.64 -35.81 37.09
N ALA E 231 5.97 -36.89 37.48
CA ALA E 231 5.23 -37.71 36.54
C ALA E 231 3.74 -37.42 36.57
N ILE E 232 3.27 -36.77 37.63
CA ILE E 232 1.88 -36.32 37.74
C ILE E 232 1.77 -34.83 37.43
N ALA E 233 2.57 -34.00 38.11
CA ALA E 233 2.47 -32.56 37.95
C ALA E 233 2.91 -32.12 36.56
N SER E 234 3.96 -32.74 36.02
CA SER E 234 4.42 -32.38 34.68
C SER E 234 3.36 -32.71 33.63
N SER E 235 2.70 -33.86 33.77
CA SER E 235 1.63 -34.20 32.84
C SER E 235 0.43 -33.28 33.03
N ILE E 236 0.13 -32.90 34.27
CA ILE E 236 -1.00 -32.00 34.54
C ILE E 236 -0.76 -30.65 33.87
N VAL E 237 0.41 -30.06 34.08
CA VAL E 237 0.70 -28.75 33.51
C VAL E 237 0.84 -28.84 32.00
N SER E 238 1.46 -29.91 31.51
CA SER E 238 1.75 -30.02 30.08
C SER E 238 0.52 -30.36 29.25
N PHE E 239 -0.36 -31.22 29.76
CA PHE E 239 -1.41 -31.70 28.87
C PHE E 239 -2.83 -31.55 29.41
N TYR E 240 -3.04 -31.79 30.70
CA TYR E 240 -4.41 -31.97 31.18
C TYR E 240 -5.14 -30.64 31.33
N VAL E 241 -4.53 -29.67 32.01
CA VAL E 241 -5.15 -28.35 32.13
C VAL E 241 -5.36 -27.69 30.77
N PRO E 242 -4.38 -27.67 29.85
CA PRO E 242 -4.68 -27.17 28.50
C PRO E 242 -5.79 -27.94 27.81
N LEU E 243 -5.87 -29.26 27.99
CA LEU E 243 -6.92 -30.02 27.34
C LEU E 243 -8.30 -29.61 27.85
N VAL E 244 -8.44 -29.46 29.17
CA VAL E 244 -9.71 -29.04 29.75
C VAL E 244 -10.07 -27.65 29.24
N ILE E 245 -9.11 -26.73 29.23
CA ILE E 245 -9.40 -25.36 28.78
C ILE E 245 -9.83 -25.38 27.31
N MET E 246 -9.10 -26.11 26.46
CA MET E 246 -9.45 -26.14 25.05
C MET E 246 -10.82 -26.74 24.81
N VAL E 247 -11.16 -27.83 25.52
CA VAL E 247 -12.46 -28.46 25.27
C VAL E 247 -13.60 -27.54 25.74
N PHE E 248 -13.43 -26.90 26.90
CA PHE E 248 -14.46 -25.97 27.37
C PHE E 248 -14.62 -24.79 26.42
N VAL E 249 -13.50 -24.22 25.98
CA VAL E 249 -13.54 -23.09 25.05
C VAL E 249 -14.22 -23.48 23.75
N TYR E 250 -13.87 -24.64 23.20
CA TYR E 250 -14.43 -25.00 21.90
C TYR E 250 -15.90 -25.37 22.01
N SER E 251 -16.32 -25.98 23.13
CA SER E 251 -17.75 -26.20 23.33
C SER E 251 -18.51 -24.88 23.41
N ARG E 252 -17.98 -23.93 24.18
CA ARG E 252 -18.65 -22.63 24.29
C ARG E 252 -18.72 -21.94 22.94
N VAL E 253 -17.64 -21.96 22.17
CA VAL E 253 -17.63 -21.34 20.85
C VAL E 253 -18.63 -22.02 19.93
N PHE E 254 -18.68 -23.35 19.97
CA PHE E 254 -19.64 -24.09 19.15
C PHE E 254 -21.07 -23.73 19.49
N GLN E 255 -21.34 -23.36 20.75
CA GLN E 255 -22.69 -22.94 21.11
C GLN E 255 -23.17 -21.79 20.23
N GLU E 256 -22.40 -20.70 20.15
CA GLU E 256 -22.83 -19.61 19.28
C GLU E 256 -22.64 -19.94 17.81
N ALA E 257 -21.66 -20.76 17.46
CA ALA E 257 -21.50 -21.16 16.06
C ALA E 257 -22.72 -21.90 15.56
N LYS E 258 -23.43 -22.60 16.44
CA LYS E 258 -24.69 -23.26 16.10
C LYS E 258 -25.89 -22.33 16.23
N ARG E 259 -25.87 -21.44 17.23
CA ARG E 259 -26.98 -20.51 17.42
C ARG E 259 -27.13 -19.58 16.22
N GLN E 260 -26.02 -19.04 15.72
CA GLN E 260 -26.08 -18.15 14.57
C GLN E 260 -26.60 -18.88 13.34
N LEU E 261 -26.20 -20.14 13.14
CA LEU E 261 -26.66 -20.89 11.99
C LEU E 261 -28.16 -21.22 12.11
N GLN E 262 -28.62 -21.54 13.32
CA GLN E 262 -30.03 -21.86 13.51
C GLN E 262 -30.92 -20.62 13.52
N LYS E 263 -30.34 -19.43 13.74
CA LYS E 263 -31.15 -18.21 13.78
C LYS E 263 -31.77 -17.91 12.42
N ILE E 264 -31.02 -18.15 11.33
CA ILE E 264 -31.53 -17.80 10.00
C ILE E 264 -32.74 -18.64 9.64
N ASP E 265 -32.78 -19.90 10.07
CA ASP E 265 -33.90 -20.77 9.76
C ASP E 265 -35.12 -20.45 10.62
N CYS E 296 -28.67 -25.84 8.61
CA CYS E 296 -28.34 -27.18 9.08
C CYS E 296 -27.36 -27.87 8.13
N LEU E 297 -27.35 -27.42 6.87
CA LEU E 297 -26.43 -28.01 5.90
C LEU E 297 -25.00 -27.54 6.10
N LYS E 298 -24.81 -26.32 6.59
CA LYS E 298 -23.49 -25.76 6.80
C LYS E 298 -22.87 -26.16 8.14
N GLU E 299 -23.64 -26.81 9.02
CA GLU E 299 -23.09 -27.25 10.30
C GLU E 299 -22.05 -28.35 10.13
N HIS E 300 -22.08 -29.08 9.02
CA HIS E 300 -21.11 -30.13 8.77
C HIS E 300 -19.70 -29.57 8.72
N LYS E 301 -19.52 -28.39 8.12
CA LYS E 301 -18.21 -27.76 8.09
C LYS E 301 -17.70 -27.43 9.49
N ALA E 302 -18.59 -26.91 10.34
CA ALA E 302 -18.20 -26.58 11.71
C ALA E 302 -17.80 -27.83 12.47
N LEU E 303 -18.59 -28.89 12.36
CA LEU E 303 -18.24 -30.15 13.03
C LEU E 303 -16.92 -30.69 12.51
N LYS E 304 -16.70 -30.65 11.19
CA LYS E 304 -15.45 -31.16 10.64
C LYS E 304 -14.25 -30.36 11.14
N THR E 305 -14.36 -29.04 11.14
CA THR E 305 -13.24 -28.21 11.58
C THR E 305 -12.93 -28.44 13.06
N LEU E 306 -13.97 -28.45 13.90
CA LEU E 306 -13.75 -28.70 15.32
C LEU E 306 -13.16 -30.09 15.54
N GLY E 307 -13.67 -31.09 14.80
CA GLY E 307 -13.16 -32.43 14.95
C GLY E 307 -11.70 -32.55 14.57
N ILE E 308 -11.31 -31.95 13.45
CA ILE E 308 -9.90 -31.98 13.06
C ILE E 308 -9.04 -31.30 14.13
N ILE E 309 -9.46 -30.10 14.55
CA ILE E 309 -8.63 -29.32 15.47
C ILE E 309 -8.42 -30.07 16.78
N MET E 310 -9.50 -30.64 17.34
CA MET E 310 -9.35 -31.34 18.60
C MET E 310 -8.72 -32.73 18.44
N GLY E 311 -9.07 -33.46 17.38
CA GLY E 311 -8.57 -34.81 17.22
C GLY E 311 -7.09 -34.87 16.93
N THR E 312 -6.59 -33.98 16.07
CA THR E 312 -5.16 -34.01 15.77
C THR E 312 -4.34 -33.73 17.02
N PHE E 313 -4.83 -32.89 17.91
CA PHE E 313 -4.12 -32.61 19.15
C PHE E 313 -4.27 -33.74 20.17
N THR E 314 -5.44 -34.37 20.23
CA THR E 314 -5.71 -35.35 21.28
C THR E 314 -5.20 -36.74 20.92
N LEU E 315 -5.54 -37.25 19.73
CA LEU E 315 -5.11 -38.59 19.33
C LEU E 315 -3.59 -38.72 19.32
N CYS E 316 -2.87 -37.61 19.17
CA CYS E 316 -1.42 -37.68 19.10
C CYS E 316 -0.78 -37.71 20.49
N TRP E 317 -1.31 -36.95 21.45
CA TRP E 317 -0.65 -36.74 22.73
C TRP E 317 -1.39 -37.33 23.92
N LEU E 318 -2.56 -37.93 23.73
CA LEU E 318 -3.32 -38.51 24.83
C LEU E 318 -2.81 -39.89 25.23
N PRO E 319 -2.59 -40.83 24.30
CA PRO E 319 -2.09 -42.14 24.72
C PRO E 319 -0.77 -42.06 25.47
N PHE E 320 0.15 -41.22 25.01
CA PHE E 320 1.41 -41.07 25.71
C PHE E 320 1.20 -40.50 27.10
N PHE E 321 0.32 -39.50 27.23
CA PHE E 321 0.15 -38.84 28.52
C PHE E 321 -0.76 -39.63 29.47
N ILE E 322 -1.38 -40.72 29.01
CA ILE E 322 -2.03 -41.61 29.95
C ILE E 322 -1.10 -42.76 30.34
N VAL E 323 -0.34 -43.32 29.38
CA VAL E 323 0.62 -44.35 29.77
C VAL E 323 1.71 -43.76 30.64
N ASN E 324 2.01 -42.46 30.50
CA ASN E 324 2.97 -41.81 31.37
C ASN E 324 2.48 -41.81 32.82
N ILE E 325 1.19 -41.62 33.02
CA ILE E 325 0.63 -41.71 34.36
C ILE E 325 0.63 -43.16 34.82
N VAL E 326 0.31 -44.10 33.92
CA VAL E 326 0.09 -45.48 34.32
C VAL E 326 1.40 -46.15 34.74
N HIS E 327 2.47 -45.96 33.98
CA HIS E 327 3.68 -46.75 34.25
C HIS E 327 4.30 -46.40 35.60
N VAL E 328 4.01 -45.22 36.14
CA VAL E 328 4.37 -44.92 37.51
C VAL E 328 3.25 -45.26 38.49
N ILE E 329 2.00 -45.26 38.03
CA ILE E 329 0.90 -45.66 38.91
C ILE E 329 1.03 -47.13 39.29
N GLN E 330 1.32 -47.98 38.30
CA GLN E 330 1.49 -49.41 38.54
C GLN E 330 2.63 -49.91 37.66
N ASP E 331 3.63 -50.53 38.27
CA ASP E 331 4.80 -51.00 37.54
C ASP E 331 4.53 -52.34 36.87
N ASN E 332 5.49 -52.77 36.06
CA ASN E 332 5.41 -54.03 35.33
C ASN E 332 4.17 -54.10 34.45
N LEU E 333 3.83 -52.99 33.81
CA LEU E 333 2.66 -52.93 32.94
C LEU E 333 3.01 -52.37 31.57
N ILE E 334 4.01 -51.50 31.50
CA ILE E 334 4.40 -50.82 30.27
C ILE E 334 5.88 -51.09 30.01
N ARG E 335 6.19 -51.54 28.80
CA ARG E 335 7.56 -51.73 28.36
C ARG E 335 8.09 -50.44 27.73
N LYS E 336 9.40 -50.42 27.47
CA LYS E 336 10.02 -49.23 26.91
C LYS E 336 9.62 -49.01 25.46
N GLU E 337 9.37 -50.09 24.71
CA GLU E 337 9.09 -49.98 23.28
C GLU E 337 7.82 -49.18 23.03
N VAL E 338 6.73 -49.52 23.74
CA VAL E 338 5.48 -48.81 23.55
C VAL E 338 5.59 -47.36 24.04
N TYR E 339 6.37 -47.14 25.10
CA TYR E 339 6.63 -45.78 25.57
C TYR E 339 7.27 -44.94 24.48
N ILE E 340 8.32 -45.48 23.84
CA ILE E 340 9.00 -44.75 22.77
C ILE E 340 8.05 -44.53 21.59
N LEU E 341 7.28 -45.55 21.24
CA LEU E 341 6.36 -45.42 20.10
C LEU E 341 5.34 -44.32 20.34
N LEU E 342 4.74 -44.31 21.54
CA LEU E 342 3.74 -43.29 21.85
C LEU E 342 4.38 -41.91 21.93
N ASN E 343 5.60 -41.82 22.45
CA ASN E 343 6.27 -40.52 22.49
C ASN E 343 6.52 -39.98 21.09
N TRP E 344 6.88 -40.86 20.15
CA TRP E 344 7.11 -40.39 18.78
C TRP E 344 5.79 -40.03 18.09
N ILE E 345 4.73 -40.78 18.39
CA ILE E 345 3.40 -40.40 17.90
C ILE E 345 3.04 -39.02 18.41
N GLY E 346 3.39 -38.71 19.65
CA GLY E 346 3.22 -37.35 20.15
C GLY E 346 4.10 -36.35 19.42
N TYR E 347 5.33 -36.77 19.08
CA TYR E 347 6.27 -35.87 18.41
C TYR E 347 5.72 -35.40 17.06
N VAL E 348 5.11 -36.31 16.30
CA VAL E 348 4.69 -35.95 14.95
C VAL E 348 3.57 -34.89 14.95
N ASN E 349 2.90 -34.69 16.09
CA ASN E 349 1.89 -33.64 16.19
C ASN E 349 2.49 -32.27 15.89
N SER E 350 3.75 -32.06 16.29
CA SER E 350 4.41 -30.80 16.00
C SER E 350 4.47 -30.53 14.51
N GLY E 351 4.90 -31.53 13.73
CA GLY E 351 4.88 -31.39 12.29
C GLY E 351 3.49 -31.22 11.73
N PHE E 352 2.50 -31.82 12.38
CA PHE E 352 1.11 -31.64 11.94
C PHE E 352 0.64 -30.20 12.09
N ASN E 353 1.03 -29.53 13.17
CA ASN E 353 0.41 -28.25 13.53
C ASN E 353 0.50 -27.17 12.46
N PRO E 354 1.63 -26.95 11.76
CA PRO E 354 1.64 -25.93 10.71
C PRO E 354 0.54 -26.08 9.66
N LEU E 355 0.24 -27.30 9.24
CA LEU E 355 -0.78 -27.52 8.23
C LEU E 355 -2.17 -27.15 8.72
N ILE E 356 -2.37 -27.11 10.04
CA ILE E 356 -3.67 -26.83 10.62
C ILE E 356 -3.84 -25.35 10.93
N TYR E 357 -2.82 -24.72 11.53
CA TYR E 357 -2.98 -23.38 12.08
C TYR E 357 -2.47 -22.27 11.18
N CYS E 358 -2.19 -22.57 9.90
CA CYS E 358 -1.64 -21.56 9.00
C CYS E 358 -2.34 -21.63 7.64
N ARG E 359 -3.67 -21.64 7.66
CA ARG E 359 -4.46 -21.72 6.44
C ARG E 359 -5.07 -20.38 6.02
N SER E 360 -4.57 -19.28 6.58
CA SER E 360 -5.07 -17.96 6.20
C SER E 360 -4.68 -17.64 4.75
N PRO E 361 -5.54 -16.90 4.04
CA PRO E 361 -5.19 -16.54 2.65
C PRO E 361 -3.90 -15.74 2.53
N ASP E 362 -3.62 -14.86 3.49
CA ASP E 362 -2.35 -14.14 3.49
C ASP E 362 -1.18 -15.12 3.62
N PHE E 363 -1.32 -16.10 4.50
CA PHE E 363 -0.28 -17.12 4.64
C PHE E 363 -0.10 -17.91 3.34
N ARG E 364 -1.22 -18.24 2.67
CA ARG E 364 -1.12 -18.97 1.42
C ARG E 364 -0.39 -18.15 0.36
N ILE E 365 -0.70 -16.86 0.26
CA ILE E 365 -0.02 -16.00 -0.69
C ILE E 365 1.47 -15.91 -0.37
N ALA E 366 1.80 -15.75 0.91
CA ALA E 366 3.20 -15.67 1.32
C ALA E 366 3.95 -16.95 0.98
N PHE E 367 3.35 -18.11 1.26
CA PHE E 367 3.99 -19.38 0.95
C PHE E 367 4.19 -19.55 -0.54
N GLN E 368 3.17 -19.20 -1.35
CA GLN E 368 3.29 -19.31 -2.79
C GLN E 368 4.39 -18.40 -3.32
N GLU E 369 4.50 -17.19 -2.76
CA GLU E 369 5.58 -16.30 -3.18
C GLU E 369 6.94 -16.86 -2.81
N LEU E 370 7.07 -17.45 -1.61
CA LEU E 370 8.36 -17.99 -1.19
C LEU E 370 8.78 -19.19 -2.04
N LEU E 371 7.86 -20.10 -2.33
CA LEU E 371 8.22 -21.29 -3.08
C LEU E 371 8.00 -21.14 -4.59
N CYS E 372 7.58 -19.97 -5.05
CA CYS E 372 7.35 -19.70 -6.47
C CYS E 372 6.37 -20.70 -7.07
C1 CLR F . 7.18 -13.79 19.21
C2 CLR F . 6.74 -12.39 18.34
C3 CLR F . 6.91 -11.01 19.36
C4 CLR F . 8.34 -11.01 19.99
C5 CLR F . 8.52 -12.27 20.63
C6 CLR F . 8.77 -12.29 22.13
C7 CLR F . 8.97 -13.64 22.78
C8 CLR F . 9.68 -14.49 21.83
C9 CLR F . 8.75 -14.82 20.69
C10 CLR F . 8.48 -13.62 19.81
C11 CLR F . 9.39 -16.09 19.78
C12 CLR F . 9.94 -17.27 20.70
C13 CLR F . 10.89 -16.70 21.63
C14 CLR F . 10.12 -15.79 22.55
C15 CLR F . 11.04 -15.52 23.73
C16 CLR F . 11.80 -17.05 23.88
C17 CLR F . 11.53 -17.75 22.53
C18 CLR F . 11.99 -15.88 20.88
C19 CLR F . 9.54 -13.54 18.69
C20 CLR F . 12.83 -18.30 21.95
C21 CLR F . 12.55 -19.54 21.10
C22 CLR F . 13.80 -18.70 23.11
C23 CLR F . 14.74 -19.83 22.69
C24 CLR F . 14.93 -20.83 23.87
C25 CLR F . 15.73 -22.08 23.38
C26 CLR F . 15.97 -23.04 24.58
C27 CLR F . 14.92 -22.81 22.28
O1 CLR F . 6.74 -9.93 18.68
C1 CLR G . 18.79 -23.98 37.96
C2 CLR G . 20.16 -24.33 38.92
C3 CLR G . 21.50 -24.69 37.89
C4 CLR G . 21.65 -23.52 36.85
C5 CLR G . 20.41 -23.41 36.18
C6 CLR G . 20.35 -23.70 34.69
C7 CLR G . 19.03 -23.58 33.99
C8 CLR G . 18.24 -22.51 34.61
C9 CLR G . 17.91 -22.86 36.04
C10 CLR G . 19.11 -22.98 36.97
C11 CLR G . 16.82 -21.69 36.62
C12 CLR G . 15.56 -21.58 35.66
C13 CLR G . 16.03 -21.27 34.31
C14 CLR G . 16.89 -22.40 33.84
C15 CLR G . 17.09 -22.18 32.35
C16 CLR G . 15.47 -21.77 31.97
C17 CLR G . 14.89 -21.21 33.29
C18 CLR G . 16.87 -19.94 34.30
C19 CLR G . 19.39 -21.63 37.67
C20 CLR G . 14.30 -19.83 33.02
C21 CLR G . 13.38 -19.37 34.16
C22 CLR G . 13.41 -19.93 31.75
C23 CLR G . 13.81 -18.91 30.69
C24 CLR G . 13.30 -19.41 29.31
C25 CLR G . 13.62 -18.36 28.19
C26 CLR G . 13.23 -18.96 26.80
C27 CLR G . 12.79 -17.08 28.45
O1 CLR G . 22.58 -24.81 38.59
C1 CLR H . -9.93 -14.17 31.70
C2 CLR H . -10.60 -12.71 32.29
C3 CLR H . -10.46 -12.69 34.03
C4 CLR H . -8.98 -13.01 34.42
C5 CLR H . -8.67 -14.25 33.81
C6 CLR H . -8.36 -15.46 34.68
C7 CLR H . -8.02 -16.76 34.01
C8 CLR H . -7.26 -16.44 32.80
C9 CLR H . -8.16 -15.78 31.80
C10 CLR H . -8.62 -14.39 32.24
C11 CLR H . -7.36 -15.68 30.31
C12 CLR H . -6.75 -17.09 29.90
C13 CLR H . -5.88 -17.53 30.97
C14 CLR H . -6.70 -17.77 32.20
C15 CLR H . -5.80 -18.51 33.17
C16 CLR H . -4.87 -19.44 32.07
C17 CLR H . -5.21 -18.86 30.68
C18 CLR H . -4.79 -16.44 31.28
C19 CLR H . -7.65 -13.31 31.69
C20 CLR H . -3.98 -18.70 29.80
C21 CLR H . -4.27 -19.27 28.41
C22 CLR H . -2.73 -19.39 30.44
C23 CLR H . -2.28 -20.64 29.65
C24 CLR H . -1.21 -21.40 30.48
C25 CLR H . -1.94 -22.30 31.55
C26 CLR H . -2.65 -23.49 30.82
C27 CLR H . -0.90 -22.86 32.54
O1 CLR H . -10.79 -11.53 34.47
C10 A1ASM I . 11.75 -37.89 26.97
C11 A1ASM I . 11.91 -39.38 26.58
C15 A1ASM I . 14.15 -42.23 26.85
C18 A1ASM I . 12.51 -44.82 28.77
C19 A1ASM I . 12.21 -44.96 30.30
C14 A1ASM I . 14.11 -42.00 25.29
C02 A1ASM I . 6.71 -34.34 30.16
C03 A1ASM I . 6.81 -33.69 28.94
C04 A1ASM I . 7.31 -34.37 27.84
C05 A1ASM I . 7.73 -35.68 27.96
C06 A1ASM I . 8.30 -36.43 26.73
C08 A1ASM I . 9.38 -37.43 27.16
C12 A1ASM I . 13.18 -39.63 25.75
C13 A1ASM I . 13.06 -40.90 24.89
C17 A1ASM I . 13.73 -43.92 28.50
C20 A1ASM I . 10.68 -44.88 30.62
C21 A1ASM I . 10.12 -46.25 31.17
C22 A1ASM I . 9.82 -47.27 30.28
C23 A1ASM I . 9.31 -48.49 30.76
C24 A1ASM I . 9.13 -48.67 32.13
C25 A1ASM I . 9.44 -47.63 33.02
C26 A1ASM I . 9.93 -46.42 32.53
C27 A1ASM I . 7.63 -36.33 29.18
C28 A1ASM I . 7.12 -35.65 30.28
N09 A1ASM I . 10.56 -37.31 26.29
O01 A1ASM I . 6.20 -33.65 31.27
O07 A1ASM I . 8.86 -35.52 25.85
O16 A1ASM I . 13.79 -43.61 27.12
O29 A1ASM I . 7.02 -36.29 31.52
C1 KBY J . -10.24 -9.03 30.06
C2 KBY J . -5.76 -13.31 25.56
C3 KBY J . -8.85 -9.10 29.93
C4 KBY J . -8.29 -10.07 29.11
C5 KBY J . -6.26 -11.48 27.55
C6 KBY J . -14.28 -11.44 28.05
C7 KBY J . -13.99 -9.24 27.16
C8 KBY J . -15.51 -9.22 27.18
C9 KBY J . -13.59 -9.52 25.73
C10 KBY J . -6.21 -11.09 26.25
C11 KBY J . -5.95 -12.00 25.25
N1 KBY J . -13.53 -10.20 28.14
C12 KBY J . -11.12 -9.89 29.39
C13 KBY J . -9.14 -10.91 28.46
C14 KBY J . -5.81 -13.74 26.86
C15 KBY J . -6.06 -12.82 27.84
C16 KBY J . -5.16 -15.40 25.00
C17 KBY J . -8.08 -8.11 30.70
C19 KBY J . -10.50 -10.83 28.59
O1 KBY J . -13.15 -10.82 30.45
O2 KBY J . -13.07 -8.47 29.85
O3 KBY J . -5.51 -14.17 24.60
O4 KBY J . -7.26 -7.42 30.13
S1 KBY J . -12.78 -9.82 29.54
S2 KBY J . -6.59 -10.33 28.81
N2 KBY J . -8.25 -7.89 32.08
C18 KBY J . -7.51 -6.87 32.88
C20 KBY J . -6.73 -7.50 34.10
C21 KBY J . -8.57 -5.86 33.29
C22 KBY J . -5.60 -8.35 33.60
C23 KBY J . -4.86 -7.93 32.51
C24 KBY J . -3.82 -8.69 32.01
C25 KBY J . -3.48 -9.91 32.54
C26 KBY J . -4.22 -10.34 33.62
C27 KBY J . -5.27 -9.58 34.15
C28 KBY J . -2.37 -10.71 31.96
C29 KBY J . -2.04 -10.20 30.55
C30 KBY J . -2.76 -12.16 31.82
C31 KBY J . -1.10 -10.64 32.78
C32 KBY J . -8.70 -4.71 32.34
O5 KBY J . -7.71 -4.03 32.08
N3 KBY J . -9.92 -4.48 31.79
C33 KBY J . -11.11 -5.28 32.08
C34 KBY J . -12.28 -4.95 31.06
O6 KBY J . -13.42 -5.26 31.45
O7 KBY J . -11.98 -4.41 29.98
#